data_9JW6
#
_entry.id   9JW6
#
_cell.length_a   1.00
_cell.length_b   1.00
_cell.length_c   1.00
_cell.angle_alpha   90.00
_cell.angle_beta   90.00
_cell.angle_gamma   90.00
#
_symmetry.space_group_name_H-M   'P 1'
#
loop_
_entity.id
_entity.type
_entity.pdbx_description
1 polymer 'Stimulator of interferon genes protein'
2 non-polymer '4-[6-(2-chloranyl-6-cyclopropyl-phenyl)carbonylimidazo[1,5-a]pyrimidin-8-yl]-2-oxidanyl-benzoic acid'
3 non-polymer '[(2R)-2-dodecanoyloxy-3-[oxidanyl-[(2R,3R,5S,6R)-2,3,5,6-tetrakis(oxidanyl)-4-phosphonooxy-cyclohexyl]oxy-phosphoryl]oxy-propyl] dodecanoate'
#
_entity_poly.entity_id   1
_entity_poly.type   'polypeptide(L)'
_entity_poly.pdbx_seq_one_letter_code
;LHPSIPCPRGHGAQKAALVLLSACLVTLWGLGEPPEHTLRYLVLHLASLQLGLLLNGVCSLAEELRHIHSRYRGSYWRTV
RACLGCPLRRGALLLLSIYFYYSLPNAVGPPFTWMLALLGLSQALNILLGLKGLAPAEISAVCEKGNFNVAHGLAWSYYI
GYLRLILPELQARIRTYNQHYNNLLRGAVSQRLYILLPLDCGVPDNLSMADPNIRFLDKLPQQTGDHAGIKDRVYSNSIY
ELLENGQRAGTCVLEYATPLQTLFAMSQYSQAGFSREDRLEQAKLFCRTLEDILADAPESQNNCRLIAYQEPADDSSFSL
SQEVLRHLRQE
;
_entity_poly.pdbx_strand_id   A,B,C,D
#
# COMPACT_ATOMS: atom_id res chain seq x y z
N LEU A 1 -23.94 -6.95 -19.91
CA LEU A 1 -24.27 -6.50 -18.52
C LEU A 1 -24.05 -5.00 -18.37
N HIS A 2 -22.81 -4.57 -18.56
CA HIS A 2 -22.44 -3.17 -18.43
C HIS A 2 -21.05 -3.00 -19.04
N PRO A 3 -20.83 -2.05 -19.95
CA PRO A 3 -19.54 -2.00 -20.65
C PRO A 3 -18.34 -1.98 -19.73
N SER A 4 -18.42 -1.33 -18.57
CA SER A 4 -17.28 -1.29 -17.68
C SER A 4 -16.91 -2.66 -17.14
N ILE A 5 -17.84 -3.61 -17.13
CA ILE A 5 -17.58 -4.95 -16.58
C ILE A 5 -16.58 -5.63 -17.50
N PRO A 6 -15.41 -6.05 -17.01
CA PRO A 6 -14.48 -6.77 -17.89
C PRO A 6 -15.07 -8.07 -18.41
N CYS A 7 -14.82 -8.34 -19.68
CA CYS A 7 -15.12 -9.64 -20.24
C CYS A 7 -13.94 -10.59 -19.96
N PRO A 8 -14.18 -11.90 -19.95
CA PRO A 8 -13.08 -12.82 -19.68
C PRO A 8 -12.00 -12.73 -20.74
N ARG A 9 -10.76 -12.88 -20.31
CA ARG A 9 -9.62 -12.69 -21.21
C ARG A 9 -9.66 -13.72 -22.33
N GLY A 10 -9.41 -13.24 -23.55
CA GLY A 10 -9.46 -14.07 -24.73
C GLY A 10 -8.10 -14.61 -25.13
N HIS A 11 -7.95 -14.88 -26.42
CA HIS A 11 -6.74 -15.47 -26.97
C HIS A 11 -5.95 -14.47 -27.82
N GLY A 12 -6.06 -13.19 -27.51
CA GLY A 12 -5.32 -12.19 -28.26
C GLY A 12 -3.82 -12.36 -28.13
N ALA A 13 -3.36 -12.86 -26.98
CA ALA A 13 -1.94 -13.13 -26.82
C ALA A 13 -1.47 -14.17 -27.82
N GLN A 14 -2.29 -15.19 -28.07
CA GLN A 14 -1.93 -16.20 -29.06
C GLN A 14 -1.86 -15.60 -30.46
N LYS A 15 -2.79 -14.70 -30.79
CA LYS A 15 -2.73 -14.04 -32.10
C LYS A 15 -1.47 -13.19 -32.22
N ALA A 16 -1.12 -12.46 -31.17
CA ALA A 16 0.10 -11.66 -31.20
C ALA A 16 1.33 -12.54 -31.34
N ALA A 17 1.33 -13.69 -30.65
CA ALA A 17 2.43 -14.63 -30.79
C ALA A 17 2.51 -15.18 -32.21
N LEU A 18 1.35 -15.40 -32.84
CA LEU A 18 1.36 -15.84 -34.24
C LEU A 18 1.93 -14.77 -35.16
N VAL A 19 1.58 -13.51 -34.92
CA VAL A 19 2.14 -12.42 -35.71
C VAL A 19 3.65 -12.35 -35.52
N LEU A 20 4.11 -12.48 -34.27
CA LEU A 20 5.54 -12.49 -34.00
C LEU A 20 6.22 -13.67 -34.69
N LEU A 21 5.58 -14.83 -34.68
CA LEU A 21 6.11 -16.00 -35.36
C LEU A 21 6.26 -15.73 -36.85
N SER A 22 5.22 -15.17 -37.47
CA SER A 22 5.28 -14.88 -38.89
C SER A 22 6.41 -13.91 -39.20
N ALA A 23 6.53 -12.84 -38.41
CA ALA A 23 7.57 -11.86 -38.65
C ALA A 23 8.96 -12.48 -38.50
N CYS A 24 9.16 -13.28 -37.45
CA CYS A 24 10.46 -13.86 -37.20
C CYS A 24 10.85 -14.86 -38.28
N LEU A 25 9.90 -15.70 -38.71
CA LEU A 25 10.20 -16.64 -39.78
C LEU A 25 10.46 -15.93 -41.10
N VAL A 26 9.71 -14.87 -41.40
CA VAL A 26 10.01 -14.08 -42.59
C VAL A 26 11.41 -13.52 -42.50
N THR A 27 11.80 -13.03 -41.33
CA THR A 27 13.15 -12.51 -41.15
C THR A 27 14.19 -13.59 -41.40
N LEU A 28 14.05 -14.74 -40.75
CA LEU A 28 15.02 -15.83 -40.93
C LEU A 28 15.14 -16.23 -42.38
N TRP A 29 14.02 -16.27 -43.10
CA TRP A 29 14.09 -16.56 -44.53
C TRP A 29 14.84 -15.45 -45.27
N GLY A 30 14.67 -14.21 -44.84
CA GLY A 30 15.36 -13.12 -45.52
C GLY A 30 16.87 -13.17 -45.35
N LEU A 31 17.34 -13.42 -44.13
CA LEU A 31 18.78 -13.37 -43.87
C LEU A 31 19.53 -14.41 -44.69
N GLY A 32 19.04 -15.64 -44.72
CA GLY A 32 19.69 -16.70 -45.48
C GLY A 32 20.61 -17.60 -44.70
N GLU A 33 20.63 -17.50 -43.37
CA GLU A 33 21.34 -18.48 -42.58
C GLU A 33 20.73 -19.86 -42.81
N PRO A 34 21.52 -20.93 -42.86
CA PRO A 34 20.96 -22.22 -43.26
C PRO A 34 19.96 -22.71 -42.23
N PRO A 35 18.92 -23.43 -42.67
CA PRO A 35 17.89 -23.86 -41.71
C PRO A 35 18.42 -24.71 -40.55
N GLU A 36 19.43 -25.53 -40.78
CA GLU A 36 19.85 -26.46 -39.74
C GLU A 36 20.44 -25.73 -38.55
N HIS A 37 21.25 -24.69 -38.79
CA HIS A 37 21.80 -23.93 -37.67
C HIS A 37 20.70 -23.25 -36.88
N THR A 38 19.71 -22.67 -37.58
CA THR A 38 18.59 -22.04 -36.91
C THR A 38 17.86 -23.04 -36.02
N LEU A 39 17.54 -24.22 -36.58
CA LEU A 39 16.79 -25.21 -35.82
C LEU A 39 17.60 -25.69 -34.63
N ARG A 40 18.90 -25.93 -34.82
CA ARG A 40 19.73 -26.43 -33.74
C ARG A 40 19.83 -25.42 -32.61
N TYR A 41 20.01 -24.14 -32.94
CA TYR A 41 20.09 -23.14 -31.88
C TYR A 41 18.73 -22.95 -31.21
N LEU A 42 17.63 -23.10 -31.95
CA LEU A 42 16.32 -23.02 -31.32
C LEU A 42 16.13 -24.15 -30.32
N VAL A 43 16.51 -25.37 -30.68
CA VAL A 43 16.33 -26.47 -29.74
C VAL A 43 17.26 -26.28 -28.55
N LEU A 44 18.48 -25.76 -28.78
CA LEU A 44 19.38 -25.51 -27.66
C LEU A 44 18.81 -24.47 -26.71
N HIS A 45 18.22 -23.40 -27.25
CA HIS A 45 17.61 -22.38 -26.41
C HIS A 45 16.43 -22.95 -25.63
N LEU A 46 15.59 -23.74 -26.28
CA LEU A 46 14.43 -24.30 -25.59
C LEU A 46 14.88 -25.28 -24.50
N ALA A 47 15.92 -26.08 -24.78
CA ALA A 47 16.44 -26.99 -23.78
C ALA A 47 17.01 -26.24 -22.58
N SER A 48 17.75 -25.16 -22.84
CA SER A 48 18.29 -24.35 -21.75
C SER A 48 17.16 -23.75 -20.92
N LEU A 49 16.13 -23.22 -21.57
CA LEU A 49 15.01 -22.66 -20.83
C LEU A 49 14.31 -23.72 -20.00
N GLN A 50 14.13 -24.93 -20.55
CA GLN A 50 13.44 -25.98 -19.82
C GLN A 50 14.27 -26.46 -18.63
N LEU A 51 15.58 -26.60 -18.79
CA LEU A 51 16.41 -26.99 -17.67
C LEU A 51 16.42 -25.89 -16.61
N GLY A 52 16.37 -24.63 -17.03
CA GLY A 52 16.25 -23.54 -16.08
C GLY A 52 14.96 -23.61 -15.30
N LEU A 53 13.86 -23.95 -15.98
CA LEU A 53 12.59 -24.14 -15.27
C LEU A 53 12.67 -25.33 -14.32
N LEU A 54 13.39 -26.38 -14.71
CA LEU A 54 13.60 -27.51 -13.81
C LEU A 54 14.35 -27.08 -12.55
N LEU A 55 15.39 -26.25 -12.72
CA LEU A 55 16.12 -25.74 -11.56
C LEU A 55 15.23 -24.85 -10.70
N ASN A 56 14.40 -24.02 -11.34
CA ASN A 56 13.48 -23.18 -10.59
C ASN A 56 12.51 -24.03 -9.77
N GLY A 57 12.02 -25.11 -10.36
CA GLY A 57 11.14 -26.01 -9.61
C GLY A 57 11.86 -26.71 -8.47
N VAL A 58 13.11 -27.10 -8.70
CA VAL A 58 13.88 -27.74 -7.63
C VAL A 58 14.08 -26.75 -6.48
N CYS A 59 14.36 -25.50 -6.80
CA CYS A 59 14.46 -24.48 -5.76
C CYS A 59 13.13 -24.30 -5.03
N SER A 60 12.02 -24.30 -5.78
CA SER A 60 10.70 -24.22 -5.16
C SER A 60 10.37 -25.47 -4.35
N LEU A 61 11.04 -26.59 -4.63
CA LEU A 61 10.84 -27.79 -3.83
C LEU A 61 11.27 -27.58 -2.39
N ALA A 62 12.22 -26.68 -2.15
CA ALA A 62 12.62 -26.39 -0.79
C ALA A 62 11.45 -25.83 0.01
N GLU A 63 10.68 -24.92 -0.61
CA GLU A 63 9.53 -24.33 0.07
C GLU A 63 8.35 -25.29 0.13
N GLU A 64 8.14 -26.08 -0.93
CA GLU A 64 6.98 -26.95 -0.98
C GLU A 64 7.15 -28.22 -0.17
N LEU A 65 8.38 -28.58 0.19
CA LEU A 65 8.60 -29.74 1.04
C LEU A 65 8.31 -29.46 2.51
N ARG A 66 8.22 -28.19 2.90
CA ARG A 66 7.84 -27.86 4.27
C ARG A 66 6.35 -28.06 4.50
N HIS A 67 5.55 -28.03 3.44
CA HIS A 67 4.11 -28.32 3.50
C HIS A 67 3.80 -29.69 2.94
N ILE A 68 4.71 -30.65 3.16
CA ILE A 68 4.53 -31.98 2.61
C ILE A 68 3.29 -32.64 3.21
N HIS A 69 3.09 -32.50 4.52
CA HIS A 69 1.95 -33.13 5.17
C HIS A 69 0.70 -32.26 5.07
N SER A 70 0.86 -30.94 5.21
CA SER A 70 -0.30 -30.06 5.22
C SER A 70 -0.93 -29.95 3.84
N ARG A 71 -0.12 -29.72 2.81
CA ARG A 71 -0.63 -29.37 1.49
C ARG A 71 -0.74 -30.54 0.53
N TYR A 72 0.03 -31.61 0.73
CA TYR A 72 0.12 -32.67 -0.27
C TYR A 72 -0.08 -34.07 0.31
N ARG A 73 -0.75 -34.17 1.46
CA ARG A 73 -1.12 -35.47 2.04
C ARG A 73 0.08 -36.36 2.28
N GLY A 74 1.23 -35.77 2.62
CA GLY A 74 2.39 -36.57 2.93
C GLY A 74 2.88 -37.43 1.78
N SER A 75 2.78 -36.92 0.56
CA SER A 75 3.23 -37.64 -0.63
C SER A 75 4.23 -36.77 -1.37
N TYR A 76 5.44 -37.30 -1.58
CA TYR A 76 6.46 -36.56 -2.31
C TYR A 76 6.08 -36.37 -3.76
N TRP A 77 5.49 -37.40 -4.38
CA TRP A 77 5.06 -37.29 -5.77
C TRP A 77 4.20 -36.05 -5.98
N ARG A 78 3.26 -35.81 -5.07
CA ARG A 78 2.38 -34.64 -5.20
C ARG A 78 3.19 -33.35 -5.13
N THR A 79 4.18 -33.28 -4.24
CA THR A 79 4.99 -32.07 -4.12
C THR A 79 5.76 -31.81 -5.40
N VAL A 80 6.45 -32.83 -5.93
CA VAL A 80 7.19 -32.62 -7.16
C VAL A 80 6.25 -32.25 -8.30
N ARG A 81 5.08 -32.88 -8.37
CA ARG A 81 4.12 -32.51 -9.41
C ARG A 81 3.71 -31.05 -9.28
N ALA A 82 3.55 -30.58 -8.03
CA ALA A 82 3.13 -29.21 -7.83
C ALA A 82 4.26 -28.22 -8.11
N CYS A 83 5.50 -28.68 -8.10
CA CYS A 83 6.62 -27.77 -8.36
C CYS A 83 6.91 -27.63 -9.85
N LEU A 84 6.78 -28.70 -10.62
CA LEU A 84 6.99 -28.64 -12.07
C LEU A 84 5.65 -28.43 -12.77
N GLY A 85 5.62 -27.45 -13.67
CA GLY A 85 4.38 -27.05 -14.30
C GLY A 85 3.74 -28.09 -15.19
N CYS A 86 4.40 -28.40 -16.32
CA CYS A 86 3.89 -29.37 -17.28
C CYS A 86 4.89 -30.52 -17.41
N PRO A 87 4.74 -31.59 -16.64
CA PRO A 87 5.71 -32.69 -16.75
C PRO A 87 5.82 -33.26 -18.15
N LEU A 88 4.70 -33.36 -18.87
CA LEU A 88 4.74 -33.99 -20.19
C LEU A 88 5.48 -33.12 -21.20
N ARG A 89 5.16 -31.82 -21.24
CA ARG A 89 5.80 -30.94 -22.21
C ARG A 89 7.29 -30.79 -21.92
N ARG A 90 7.65 -30.61 -20.65
CA ARG A 90 9.06 -30.55 -20.30
C ARG A 90 9.77 -31.87 -20.61
N GLY A 91 9.11 -33.00 -20.35
CA GLY A 91 9.71 -34.28 -20.70
C GLY A 91 9.98 -34.39 -22.18
N ALA A 92 9.03 -33.95 -23.01
CA ALA A 92 9.23 -33.99 -24.45
C ALA A 92 10.39 -33.09 -24.87
N LEU A 93 10.47 -31.87 -24.29
CA LEU A 93 11.53 -30.96 -24.68
C LEU A 93 12.90 -31.49 -24.26
N LEU A 94 13.02 -32.02 -23.05
CA LEU A 94 14.28 -32.65 -22.63
C LEU A 94 14.59 -33.88 -23.48
N LEU A 95 13.58 -34.63 -23.91
CA LEU A 95 13.85 -35.76 -24.80
C LEU A 95 14.43 -35.28 -26.12
N LEU A 96 13.88 -34.20 -26.69
CA LEU A 96 14.44 -33.65 -27.91
C LEU A 96 15.87 -33.16 -27.67
N SER A 97 16.12 -32.51 -26.54
CA SER A 97 17.47 -32.05 -26.23
C SER A 97 18.45 -33.21 -26.15
N ILE A 98 18.04 -34.30 -25.49
CA ILE A 98 18.90 -35.47 -25.40
C ILE A 98 19.14 -36.05 -26.80
N TYR A 99 18.10 -36.10 -27.63
CA TYR A 99 18.26 -36.62 -28.98
C TYR A 99 19.26 -35.78 -29.77
N PHE A 100 19.27 -34.46 -29.56
CA PHE A 100 20.14 -33.57 -30.30
C PHE A 100 21.51 -33.40 -29.64
N TYR A 101 21.93 -34.38 -28.84
CA TYR A 101 23.26 -34.36 -28.25
C TYR A 101 23.94 -35.71 -28.42
N PRO A 111 34.31 -26.21 -22.04
CA PRO A 111 33.86 -27.46 -21.40
C PRO A 111 32.35 -27.58 -21.36
N PHE A 112 31.86 -28.65 -20.73
CA PHE A 112 30.43 -28.91 -20.61
C PHE A 112 29.89 -28.55 -19.23
N THR A 113 30.61 -28.88 -18.17
CA THR A 113 30.17 -28.52 -16.83
C THR A 113 30.21 -27.03 -16.58
N TRP A 114 30.97 -26.28 -17.38
CA TRP A 114 31.04 -24.84 -17.20
C TRP A 114 29.69 -24.18 -17.44
N MET A 115 29.00 -24.58 -18.51
CA MET A 115 27.72 -23.96 -18.84
C MET A 115 26.61 -24.44 -17.92
N LEU A 116 26.74 -25.62 -17.32
CA LEU A 116 25.75 -26.04 -16.34
C LEU A 116 25.78 -25.15 -15.10
N ALA A 117 26.98 -24.83 -14.62
CA ALA A 117 27.10 -23.91 -13.49
C ALA A 117 26.64 -22.51 -13.87
N LEU A 118 27.00 -22.06 -15.08
CA LEU A 118 26.59 -20.72 -15.52
C LEU A 118 25.09 -20.63 -15.64
N LEU A 119 24.45 -21.64 -16.21
CA LEU A 119 23.00 -21.63 -16.33
C LEU A 119 22.34 -21.70 -14.96
N GLY A 120 22.92 -22.48 -14.04
CA GLY A 120 22.42 -22.49 -12.69
C GLY A 120 22.61 -21.17 -11.97
N LEU A 121 23.76 -20.54 -12.17
CA LEU A 121 24.02 -19.25 -11.51
C LEU A 121 22.99 -18.22 -11.96
N SER A 122 22.70 -18.16 -13.26
CA SER A 122 21.72 -17.22 -13.77
C SER A 122 20.33 -17.51 -13.23
N GLN A 123 19.95 -18.79 -13.15
CA GLN A 123 18.65 -19.13 -12.57
C GLN A 123 18.58 -18.78 -11.10
N ALA A 124 19.69 -18.95 -10.37
CA ALA A 124 19.71 -18.56 -8.96
C ALA A 124 19.43 -17.07 -8.81
N LEU A 125 20.04 -16.24 -9.66
CA LEU A 125 19.82 -14.80 -9.58
C LEU A 125 18.43 -14.41 -10.06
N ASN A 126 17.81 -15.22 -10.92
CA ASN A 126 16.43 -14.96 -11.31
C ASN A 126 15.50 -15.02 -10.11
N ILE A 127 15.70 -16.04 -9.26
CA ILE A 127 14.88 -16.16 -8.05
C ILE A 127 15.24 -15.09 -7.04
N LEU A 128 16.54 -14.89 -6.82
CA LEU A 128 16.97 -14.01 -5.72
C LEU A 128 16.60 -12.56 -6.01
N LEU A 129 16.80 -12.11 -7.24
CA LEU A 129 16.46 -10.75 -7.62
C LEU A 129 15.02 -10.62 -8.10
N GLY A 130 14.25 -11.71 -8.09
CA GLY A 130 12.84 -11.63 -8.42
C GLY A 130 12.54 -11.16 -9.83
N LEU A 131 13.24 -11.72 -10.82
CA LEU A 131 13.05 -11.32 -12.21
C LEU A 131 11.95 -12.11 -12.91
N LYS A 132 11.41 -13.15 -12.29
CA LYS A 132 10.29 -13.90 -12.83
C LYS A 132 8.96 -13.45 -12.22
N GLY A 133 8.96 -12.35 -11.48
CA GLY A 133 7.73 -11.87 -10.87
C GLY A 133 6.67 -11.60 -11.92
N LEU A 134 5.44 -12.02 -11.62
CA LEU A 134 4.34 -11.89 -12.55
C LEU A 134 3.90 -10.43 -12.67
N ALA A 135 3.59 -10.02 -13.89
CA ALA A 135 3.05 -8.68 -14.10
C ALA A 135 1.60 -8.63 -13.61
N PRO A 136 1.09 -7.43 -13.30
CA PRO A 136 -0.30 -7.34 -12.82
C PRO A 136 -1.30 -7.97 -13.76
N ALA A 137 -1.08 -7.90 -15.07
CA ALA A 137 -1.98 -8.57 -16.00
C ALA A 137 -1.96 -10.08 -15.79
N GLU A 138 -0.78 -10.66 -15.57
CA GLU A 138 -0.68 -12.09 -15.34
C GLU A 138 -1.13 -12.49 -13.95
N ILE A 139 -0.90 -11.63 -12.94
CA ILE A 139 -1.38 -11.93 -11.59
C ILE A 139 -2.89 -12.04 -11.58
N SER A 140 -3.56 -11.10 -12.25
CA SER A 140 -5.03 -11.11 -12.23
C SER A 140 -5.59 -12.19 -13.15
N ALA A 141 -4.88 -12.53 -14.22
CA ALA A 141 -5.37 -13.58 -15.11
C ALA A 141 -5.49 -14.90 -14.36
N VAL A 142 -4.50 -15.23 -13.54
CA VAL A 142 -4.57 -16.45 -12.74
C VAL A 142 -5.70 -16.37 -11.73
N CYS A 143 -5.87 -15.21 -11.10
CA CYS A 143 -6.86 -15.07 -10.03
C CYS A 143 -8.29 -15.22 -10.54
N GLU A 144 -8.52 -15.11 -11.84
CA GLU A 144 -9.84 -15.29 -12.44
C GLU A 144 -9.83 -16.43 -13.45
N LYS A 145 -8.99 -17.45 -13.20
CA LYS A 145 -8.98 -18.61 -14.08
C LYS A 145 -10.30 -19.35 -14.03
N GLY A 146 -10.86 -19.51 -12.84
CA GLY A 146 -12.16 -20.14 -12.65
C GLY A 146 -12.99 -19.33 -11.68
N ASN A 147 -13.82 -20.04 -10.92
CA ASN A 147 -14.64 -19.43 -9.88
C ASN A 147 -14.63 -20.29 -8.63
N PHE A 148 -13.45 -20.76 -8.23
CA PHE A 148 -13.30 -21.66 -7.08
C PHE A 148 -12.33 -21.13 -6.04
N ASN A 149 -11.87 -19.88 -6.17
CA ASN A 149 -11.02 -19.26 -5.16
C ASN A 149 -11.91 -18.55 -4.14
N VAL A 150 -12.69 -19.35 -3.42
CA VAL A 150 -13.78 -18.86 -2.60
C VAL A 150 -13.39 -18.65 -1.15
N ALA A 151 -12.19 -19.05 -0.75
CA ALA A 151 -11.83 -18.99 0.66
C ALA A 151 -11.77 -17.54 1.15
N HIS A 152 -11.19 -16.65 0.35
CA HIS A 152 -11.06 -15.26 0.77
C HIS A 152 -12.41 -14.58 0.94
N GLY A 153 -13.31 -14.76 -0.02
CA GLY A 153 -14.62 -14.14 0.08
C GLY A 153 -15.44 -14.70 1.21
N LEU A 154 -15.41 -16.02 1.40
CA LEU A 154 -16.16 -16.65 2.48
C LEU A 154 -15.70 -16.14 3.84
N ALA A 155 -14.39 -16.00 4.03
CA ALA A 155 -13.88 -15.52 5.30
C ALA A 155 -14.28 -14.07 5.57
N TRP A 156 -14.17 -13.21 4.56
CA TRP A 156 -14.54 -11.82 4.75
C TRP A 156 -16.04 -11.66 4.95
N SER A 157 -16.85 -12.48 4.26
CA SER A 157 -18.29 -12.45 4.48
C SER A 157 -18.63 -12.84 5.91
N TYR A 158 -17.97 -13.86 6.44
CA TYR A 158 -18.23 -14.27 7.82
C TYR A 158 -17.86 -13.18 8.80
N TYR A 159 -16.71 -12.53 8.61
CA TYR A 159 -16.26 -11.52 9.54
C TYR A 159 -17.12 -10.28 9.44
N ILE A 160 -17.14 -9.65 8.27
CA ILE A 160 -17.90 -8.41 8.06
C ILE A 160 -19.38 -8.62 8.30
N GLY A 161 -19.85 -9.86 8.28
CA GLY A 161 -21.25 -10.15 8.49
C GLY A 161 -21.52 -10.62 9.90
N TYR A 162 -21.62 -11.93 10.08
CA TYR A 162 -22.04 -12.49 11.37
C TYR A 162 -21.06 -12.11 12.48
N LEU A 163 -19.75 -12.24 12.22
CA LEU A 163 -18.78 -12.21 13.32
C LEU A 163 -18.59 -10.79 13.86
N ARG A 164 -18.47 -9.80 12.98
CA ARG A 164 -18.20 -8.44 13.44
C ARG A 164 -19.32 -7.89 14.31
N LEU A 165 -20.56 -8.33 14.08
CA LEU A 165 -21.71 -7.85 14.83
C LEU A 165 -22.15 -8.82 15.92
N ILE A 166 -21.30 -9.78 16.29
CA ILE A 166 -21.58 -10.73 17.35
C ILE A 166 -20.54 -10.65 18.46
N LEU A 167 -19.25 -10.58 18.08
CA LEU A 167 -18.18 -10.65 19.07
C LEU A 167 -18.26 -9.55 20.14
N PRO A 168 -18.44 -8.27 19.81
CA PRO A 168 -18.37 -7.25 20.87
C PRO A 168 -19.54 -7.29 21.85
N GLU A 169 -20.71 -7.76 21.43
CA GLU A 169 -21.84 -7.93 22.33
C GLU A 169 -21.90 -9.33 22.93
N LEU A 170 -21.00 -10.23 22.54
CA LEU A 170 -21.03 -11.59 23.07
C LEU A 170 -20.66 -11.61 24.54
N GLN A 171 -19.56 -10.95 24.90
CA GLN A 171 -19.13 -10.94 26.30
C GLN A 171 -20.22 -10.36 27.20
N ALA A 172 -20.99 -9.40 26.69
CA ALA A 172 -22.09 -8.84 27.47
C ALA A 172 -23.15 -9.90 27.75
N ARG A 173 -23.64 -10.57 26.70
CA ARG A 173 -24.69 -11.55 26.91
C ARG A 173 -24.20 -12.73 27.74
N ILE A 174 -22.92 -13.07 27.64
CA ILE A 174 -22.34 -14.07 28.51
C ILE A 174 -22.37 -13.57 29.95
N ARG A 175 -22.13 -12.26 30.15
CA ARG A 175 -22.03 -11.72 31.49
C ARG A 175 -23.38 -11.71 32.21
N THR A 176 -24.48 -11.73 31.45
CA THR A 176 -25.80 -11.74 32.07
C THR A 176 -26.33 -13.15 32.28
N TYR A 177 -25.62 -14.18 31.82
CA TYR A 177 -26.15 -15.53 31.93
C TYR A 177 -25.76 -16.19 33.25
N ASN A 178 -24.52 -16.01 33.69
CA ASN A 178 -24.06 -16.67 34.91
C ASN A 178 -24.84 -16.22 36.15
N GLN A 179 -25.49 -15.06 36.10
CA GLN A 179 -26.25 -14.56 37.23
C GLN A 179 -27.74 -14.54 36.94
N VAL A 189 -19.94 -21.26 31.83
CA VAL A 189 -20.00 -20.79 30.45
C VAL A 189 -18.70 -20.08 30.12
N SER A 190 -18.03 -20.52 29.05
CA SER A 190 -16.80 -19.86 28.65
C SER A 190 -17.10 -18.47 28.10
N GLN A 191 -16.08 -17.61 28.15
CA GLN A 191 -16.22 -16.23 27.72
C GLN A 191 -15.87 -16.03 26.25
N ARG A 192 -15.59 -17.10 25.52
CA ARG A 192 -15.18 -17.02 24.12
C ARG A 192 -16.25 -17.64 23.23
N LEU A 193 -16.31 -17.19 21.99
CA LEU A 193 -17.12 -17.83 20.96
C LEU A 193 -16.25 -18.87 20.25
N TYR A 194 -16.73 -20.11 20.22
CA TYR A 194 -15.95 -21.24 19.72
C TYR A 194 -16.54 -21.65 18.37
N ILE A 195 -15.80 -21.39 17.29
CA ILE A 195 -16.20 -21.77 15.95
C ILE A 195 -15.54 -23.09 15.60
N LEU A 196 -16.35 -24.11 15.38
CA LEU A 196 -15.85 -25.39 14.90
C LEU A 196 -15.67 -25.33 13.39
N LEU A 197 -14.57 -25.91 12.92
CA LEU A 197 -14.20 -25.88 11.51
C LEU A 197 -13.79 -27.29 11.08
N PRO A 198 -14.76 -28.17 10.82
CA PRO A 198 -14.41 -29.48 10.27
C PRO A 198 -14.02 -29.37 8.81
N LEU A 199 -12.80 -29.84 8.51
CA LEU A 199 -12.24 -29.73 7.16
C LEU A 199 -13.01 -30.56 6.15
N ASP A 200 -13.85 -31.50 6.60
CA ASP A 200 -14.75 -32.20 5.69
C ASP A 200 -15.97 -31.37 5.32
N CYS A 201 -16.17 -30.23 5.98
CA CYS A 201 -17.27 -29.31 5.69
C CYS A 201 -18.63 -29.95 5.93
N GLY A 202 -18.68 -31.04 6.68
CA GLY A 202 -19.94 -31.68 7.00
C GLY A 202 -20.45 -31.27 8.37
N VAL A 203 -21.45 -30.39 8.40
CA VAL A 203 -21.99 -29.86 9.64
C VAL A 203 -23.48 -30.15 9.68
N PRO A 204 -24.00 -30.83 10.70
CA PRO A 204 -25.44 -31.12 10.74
C PRO A 204 -26.25 -29.89 11.15
N ASP A 205 -27.56 -30.09 11.28
CA ASP A 205 -28.45 -29.00 11.66
C ASP A 205 -28.14 -28.52 13.07
N ASN A 206 -27.93 -29.45 14.01
CA ASN A 206 -27.45 -29.14 15.34
C ASN A 206 -26.24 -30.02 15.65
N LEU A 207 -25.73 -29.89 16.86
CA LEU A 207 -24.48 -30.54 17.24
C LEU A 207 -24.70 -31.87 17.96
N SER A 208 -25.95 -32.30 18.15
CA SER A 208 -26.18 -33.58 18.80
C SER A 208 -25.64 -34.74 17.97
N MET A 209 -25.93 -34.76 16.67
CA MET A 209 -25.37 -35.80 15.82
C MET A 209 -23.85 -35.77 15.75
N ALA A 210 -23.23 -34.61 15.99
CA ALA A 210 -21.76 -34.55 15.92
C ALA A 210 -21.14 -35.51 16.93
N ASP A 211 -21.42 -35.30 18.22
CA ASP A 211 -21.00 -36.21 19.28
C ASP A 211 -22.16 -36.44 20.22
N PRO A 212 -22.26 -37.62 20.83
CA PRO A 212 -23.28 -37.79 21.89
C PRO A 212 -22.95 -37.04 23.16
N ASN A 213 -21.73 -36.54 23.29
CA ASN A 213 -21.27 -35.83 24.48
C ASN A 213 -21.59 -34.35 24.46
N ILE A 214 -22.28 -33.85 23.43
CA ILE A 214 -22.68 -32.46 23.34
C ILE A 214 -24.20 -32.43 23.19
N ARG A 215 -24.87 -31.72 24.09
CA ARG A 215 -26.32 -31.57 24.05
C ARG A 215 -26.70 -30.11 24.23
N PHE A 216 -27.83 -29.74 23.63
CA PHE A 216 -28.34 -28.39 23.72
C PHE A 216 -28.72 -28.05 25.16
N LEU A 217 -28.40 -26.82 25.58
CA LEU A 217 -28.75 -26.34 26.90
C LEU A 217 -29.73 -25.18 26.85
N ASP A 218 -29.39 -24.10 26.15
CA ASP A 218 -30.26 -22.93 26.07
C ASP A 218 -29.68 -21.98 25.02
N LYS A 219 -30.31 -20.82 24.87
CA LYS A 219 -29.98 -19.82 23.87
C LYS A 219 -29.41 -18.58 24.56
N LEU A 220 -29.04 -17.58 23.74
CA LEU A 220 -28.58 -16.30 24.22
C LEU A 220 -29.47 -15.20 23.67
N PRO A 221 -30.05 -14.33 24.52
CA PRO A 221 -30.82 -13.18 24.03
C PRO A 221 -30.12 -12.40 22.91
N ARG A 233 -29.66 -7.59 13.52
CA ARG A 233 -30.88 -8.38 13.42
C ARG A 233 -30.88 -9.48 14.48
N VAL A 234 -31.89 -10.35 14.44
CA VAL A 234 -32.00 -11.43 15.41
C VAL A 234 -30.80 -12.37 15.26
N TYR A 235 -30.13 -12.66 16.37
CA TYR A 235 -28.98 -13.55 16.40
C TYR A 235 -29.27 -14.70 17.34
N SER A 236 -29.08 -15.92 16.84
CA SER A 236 -29.44 -17.15 17.55
C SER A 236 -28.15 -17.89 17.90
N ASN A 237 -27.67 -17.70 19.12
CA ASN A 237 -26.48 -18.38 19.61
C ASN A 237 -26.89 -19.39 20.68
N SER A 238 -26.21 -20.54 20.66
CA SER A 238 -26.58 -21.68 21.49
C SER A 238 -25.48 -21.98 22.50
N ILE A 239 -25.90 -22.40 23.69
CA ILE A 239 -24.98 -22.89 24.72
C ILE A 239 -24.99 -24.41 24.67
N TYR A 240 -23.81 -25.01 24.65
CA TYR A 240 -23.64 -26.45 24.58
C TYR A 240 -22.73 -26.90 25.71
N GLU A 241 -23.28 -27.64 26.66
CA GLU A 241 -22.48 -28.17 27.76
C GLU A 241 -21.73 -29.41 27.29
N LEU A 242 -20.46 -29.49 27.66
CA LEU A 242 -19.59 -30.61 27.33
C LEU A 242 -19.34 -31.44 28.58
N LEU A 243 -19.36 -32.76 28.43
CA LEU A 243 -19.26 -33.68 29.55
C LEU A 243 -18.30 -34.81 29.23
N GLU A 244 -17.78 -35.44 30.28
CA GLU A 244 -17.00 -36.66 30.16
C GLU A 244 -17.64 -37.76 31.01
N ASN A 245 -17.80 -38.93 30.41
CA ASN A 245 -18.32 -40.12 31.09
C ASN A 245 -19.64 -39.81 31.78
N GLY A 246 -20.45 -39.01 31.09
CA GLY A 246 -21.75 -38.64 31.61
C GLY A 246 -21.70 -37.57 32.68
N GLN A 247 -20.53 -37.02 32.93
CA GLN A 247 -20.32 -36.00 33.95
C GLN A 247 -19.97 -34.68 33.31
N ARG A 248 -20.61 -33.61 33.78
CA ARG A 248 -20.33 -32.28 33.27
C ARG A 248 -18.85 -31.95 33.46
N ALA A 249 -18.25 -31.34 32.43
CA ALA A 249 -16.87 -30.90 32.50
C ALA A 249 -16.62 -29.54 31.90
N GLY A 250 -17.64 -28.88 31.35
CA GLY A 250 -17.46 -27.56 30.78
C GLY A 250 -18.62 -27.16 29.88
N THR A 251 -18.79 -25.86 29.68
CA THR A 251 -19.85 -25.33 28.85
C THR A 251 -19.32 -24.12 28.08
N CYS A 252 -19.76 -23.97 26.84
CA CYS A 252 -19.30 -22.87 26.02
C CYS A 252 -20.28 -22.66 24.87
N VAL A 253 -20.15 -21.50 24.23
CA VAL A 253 -20.97 -21.15 23.06
C VAL A 253 -20.31 -21.78 21.85
N LEU A 254 -20.77 -22.97 21.47
CA LEU A 254 -20.19 -23.75 20.38
C LEU A 254 -21.10 -23.69 19.18
N GLU A 255 -20.53 -23.24 18.05
CA GLU A 255 -21.33 -23.05 16.82
C GLU A 255 -20.46 -23.36 15.59
N TYR A 256 -21.03 -24.01 14.57
CA TYR A 256 -20.33 -24.32 13.35
C TYR A 256 -20.11 -23.05 12.54
N ALA A 257 -19.13 -23.09 11.64
CA ALA A 257 -18.88 -21.97 10.75
C ALA A 257 -19.87 -22.02 9.60
N THR A 258 -20.66 -20.96 9.47
CA THR A 258 -21.68 -20.92 8.42
C THR A 258 -21.12 -21.13 7.02
N PRO A 259 -20.03 -20.47 6.61
CA PRO A 259 -19.62 -20.57 5.20
C PRO A 259 -19.06 -21.92 4.80
N LEU A 260 -19.01 -22.90 5.70
CA LEU A 260 -18.67 -24.26 5.30
C LEU A 260 -19.85 -24.94 4.63
N GLN A 261 -21.08 -24.52 4.93
CA GLN A 261 -22.22 -24.94 4.12
C GLN A 261 -21.97 -24.65 2.65
N THR A 262 -21.48 -23.45 2.34
CA THR A 262 -21.25 -23.06 0.96
C THR A 262 -20.22 -23.98 0.31
N LEU A 263 -19.14 -24.29 1.01
CA LEU A 263 -18.12 -25.16 0.45
C LEU A 263 -18.66 -26.56 0.22
N PHE A 264 -19.43 -27.08 1.19
CA PHE A 264 -20.01 -28.41 1.03
C PHE A 264 -21.10 -28.41 -0.03
N ALA A 265 -21.97 -27.39 -0.01
CA ALA A 265 -23.05 -27.34 -0.99
C ALA A 265 -22.50 -27.22 -2.41
N MET A 266 -21.37 -26.53 -2.59
CA MET A 266 -20.77 -26.43 -3.91
C MET A 266 -20.40 -27.81 -4.45
N SER A 267 -19.80 -28.65 -3.59
CA SER A 267 -19.39 -29.97 -4.03
C SER A 267 -20.59 -30.80 -4.49
N GLN A 268 -21.68 -30.74 -3.73
CA GLN A 268 -22.90 -31.44 -4.12
C GLN A 268 -23.50 -30.86 -5.39
N TYR A 269 -23.22 -29.59 -5.69
CA TYR A 269 -23.71 -28.95 -6.90
C TYR A 269 -22.91 -29.48 -8.08
N SER A 270 -23.52 -30.39 -8.85
CA SER A 270 -22.78 -31.13 -9.86
C SER A 270 -22.25 -30.22 -10.96
N GLN A 271 -23.04 -29.23 -11.38
CA GLN A 271 -22.66 -28.43 -12.54
C GLN A 271 -21.46 -27.52 -12.28
N ALA A 272 -21.07 -27.33 -11.02
CA ALA A 272 -19.90 -26.51 -10.75
C ALA A 272 -18.62 -27.23 -11.15
N GLY A 273 -18.50 -28.50 -10.79
CA GLY A 273 -17.25 -29.22 -10.91
C GLY A 273 -16.36 -29.13 -9.69
N PHE A 274 -16.91 -28.75 -8.55
CA PHE A 274 -16.14 -28.59 -7.32
C PHE A 274 -15.94 -29.95 -6.67
N SER A 275 -14.70 -30.40 -6.61
CA SER A 275 -14.37 -31.72 -6.08
C SER A 275 -14.06 -31.64 -4.59
N ARG A 276 -13.98 -32.80 -3.96
CA ARG A 276 -13.65 -32.84 -2.53
C ARG A 276 -12.27 -32.25 -2.28
N GLU A 277 -11.30 -32.58 -3.13
CA GLU A 277 -9.95 -32.06 -2.94
C GLU A 277 -9.93 -30.55 -3.04
N ASP A 278 -10.65 -29.99 -4.01
CA ASP A 278 -10.78 -28.54 -4.09
C ASP A 278 -11.54 -27.99 -2.88
N ARG A 279 -12.61 -28.66 -2.46
CA ARG A 279 -13.35 -28.21 -1.30
C ARG A 279 -12.47 -28.25 -0.06
N LEU A 280 -11.71 -29.33 0.11
CA LEU A 280 -10.82 -29.44 1.26
C LEU A 280 -9.68 -28.43 1.20
N GLU A 281 -9.25 -28.04 0.01
CA GLU A 281 -8.21 -27.02 -0.11
C GLU A 281 -8.72 -25.65 0.31
N GLN A 282 -9.91 -25.26 -0.18
CA GLN A 282 -10.48 -23.97 0.20
C GLN A 282 -10.89 -23.95 1.66
N ALA A 283 -11.30 -25.10 2.21
CA ALA A 283 -11.65 -25.15 3.62
C ALA A 283 -10.45 -24.81 4.48
N LYS A 284 -9.27 -25.32 4.13
CA LYS A 284 -8.08 -25.02 4.90
C LYS A 284 -7.66 -23.56 4.74
N LEU A 285 -7.60 -23.07 3.50
CA LEU A 285 -7.17 -21.70 3.29
C LEU A 285 -8.11 -20.72 3.98
N PHE A 286 -9.42 -20.96 3.86
CA PHE A 286 -10.38 -20.13 4.58
C PHE A 286 -10.17 -20.21 6.07
N CYS A 287 -9.82 -21.39 6.60
CA CYS A 287 -9.51 -21.50 8.02
C CYS A 287 -8.34 -20.62 8.39
N ARG A 288 -7.26 -20.66 7.60
CA ARG A 288 -6.11 -19.80 7.88
C ARG A 288 -6.45 -18.34 7.63
N THR A 289 -7.18 -18.06 6.55
CA THR A 289 -7.53 -16.67 6.24
C THR A 289 -8.33 -16.05 7.37
N LEU A 290 -9.31 -16.80 7.92
CA LEU A 290 -10.11 -16.28 9.01
C LEU A 290 -9.27 -15.99 10.25
N GLU A 291 -8.18 -16.73 10.43
CA GLU A 291 -7.31 -16.47 11.59
C GLU A 291 -6.56 -15.16 11.44
N ASP A 292 -6.07 -14.85 10.23
CA ASP A 292 -5.37 -13.59 10.03
C ASP A 292 -6.32 -12.40 10.17
N ILE A 293 -7.56 -12.54 9.71
CA ILE A 293 -8.54 -11.47 9.89
C ILE A 293 -8.76 -11.23 11.37
N LEU A 294 -8.93 -12.30 12.14
CA LEU A 294 -9.20 -12.18 13.57
C LEU A 294 -7.96 -11.81 14.37
N ALA A 295 -6.77 -12.09 13.85
CA ALA A 295 -5.55 -11.72 14.56
C ALA A 295 -5.42 -10.21 14.70
N ASP A 296 -5.74 -9.47 13.64
CA ASP A 296 -5.66 -8.01 13.64
C ASP A 296 -7.00 -7.34 13.87
N ALA A 297 -8.06 -8.11 14.12
CA ALA A 297 -9.38 -7.53 14.30
C ALA A 297 -9.46 -6.82 15.65
N PRO A 298 -10.31 -5.78 15.76
CA PRO A 298 -10.47 -5.11 17.07
C PRO A 298 -11.48 -5.79 17.98
N GLU A 299 -12.37 -6.62 17.41
CA GLU A 299 -13.45 -7.23 18.15
C GLU A 299 -13.18 -8.69 18.52
N SER A 300 -11.99 -9.22 18.22
CA SER A 300 -11.68 -10.62 18.47
C SER A 300 -10.61 -10.81 19.54
N GLN A 301 -10.39 -9.79 20.38
CA GLN A 301 -9.35 -9.87 21.41
C GLN A 301 -9.88 -10.69 22.58
N ASN A 302 -9.39 -11.92 22.71
CA ASN A 302 -9.81 -12.83 23.77
C ASN A 302 -11.32 -13.04 23.75
N ASN A 303 -11.88 -13.13 22.55
CA ASN A 303 -13.32 -13.25 22.38
C ASN A 303 -13.69 -14.43 21.49
N CYS A 304 -12.80 -14.79 20.57
CA CYS A 304 -13.07 -15.82 19.58
C CYS A 304 -11.96 -16.86 19.60
N ARG A 305 -12.35 -18.13 19.47
CA ARG A 305 -11.42 -19.24 19.37
C ARG A 305 -11.85 -20.14 18.23
N LEU A 306 -10.90 -20.52 17.38
CA LEU A 306 -11.16 -21.38 16.24
C LEU A 306 -10.66 -22.79 16.53
N ILE A 307 -11.47 -23.78 16.19
CA ILE A 307 -11.15 -25.19 16.43
C ILE A 307 -11.21 -25.89 15.08
N ALA A 308 -10.06 -26.01 14.42
CA ALA A 308 -9.96 -26.74 13.16
C ALA A 308 -9.64 -28.19 13.47
N TYR A 309 -10.48 -29.09 12.98
CA TYR A 309 -10.32 -30.52 13.23
C TYR A 309 -10.66 -31.31 11.99
N GLN A 310 -10.15 -32.54 11.94
CA GLN A 310 -10.33 -33.41 10.78
C GLN A 310 -10.40 -34.85 11.28
N GLU A 311 -11.48 -35.54 10.97
CA GLU A 311 -11.60 -36.92 11.36
C GLU A 311 -10.54 -37.76 10.64
N PRO A 312 -9.88 -38.72 11.33
CA PRO A 312 -8.82 -39.53 10.70
C PRO A 312 -9.12 -39.98 9.27
N PHE A 318 -12.28 -40.58 16.84
CA PHE A 318 -12.14 -39.17 17.17
C PHE A 318 -13.40 -38.65 17.85
N SER A 319 -13.21 -37.97 18.98
CA SER A 319 -14.30 -37.42 19.77
C SER A 319 -14.22 -35.90 19.74
N LEU A 320 -15.27 -35.26 19.23
CA LEU A 320 -15.28 -33.81 19.13
C LEU A 320 -15.21 -33.17 20.51
N SER A 321 -15.93 -33.74 21.49
CA SER A 321 -15.98 -33.13 22.81
C SER A 321 -14.59 -32.98 23.41
N GLN A 322 -13.75 -34.02 23.27
CA GLN A 322 -12.40 -33.94 23.81
C GLN A 322 -11.59 -32.86 23.10
N GLU A 323 -11.75 -32.74 21.78
CA GLU A 323 -11.00 -31.73 21.04
C GLU A 323 -11.36 -30.34 21.52
N VAL A 324 -12.65 -30.06 21.69
CA VAL A 324 -13.06 -28.75 22.18
C VAL A 324 -12.61 -28.57 23.62
N LEU A 325 -12.76 -29.61 24.44
CA LEU A 325 -12.40 -29.51 25.85
C LEU A 325 -10.93 -29.15 26.02
N ARG A 326 -10.07 -29.55 25.08
CA ARG A 326 -8.67 -29.16 25.15
C ARG A 326 -8.54 -27.65 25.15
N HIS A 327 -9.34 -26.96 24.33
CA HIS A 327 -9.30 -25.51 24.31
C HIS A 327 -9.96 -24.91 25.54
N LEU A 328 -10.97 -25.59 26.10
CA LEU A 328 -11.61 -25.09 27.31
C LEU A 328 -10.62 -25.04 28.47
N ARG A 329 -9.83 -26.11 28.64
CA ARG A 329 -8.83 -26.15 29.70
C ARG A 329 -7.66 -25.20 29.44
N GLN A 330 -7.48 -24.73 28.21
CA GLN A 330 -6.38 -23.82 27.91
C GLN A 330 -6.50 -22.51 28.66
N GLU A 331 -7.69 -22.15 29.12
CA GLU A 331 -7.89 -20.91 29.86
C GLU A 331 -7.14 -20.94 31.19
N LEU B 1 -3.44 -24.01 15.24
CA LEU B 1 -4.79 -24.34 14.72
C LEU B 1 -4.90 -25.84 14.41
N HIS B 2 -4.12 -26.29 13.45
CA HIS B 2 -4.12 -27.70 13.04
C HIS B 2 -2.89 -27.94 12.18
N PRO B 3 -2.14 -29.03 12.38
CA PRO B 3 -0.96 -29.25 11.53
C PRO B 3 -1.31 -29.52 10.08
N SER B 4 -2.56 -29.85 9.78
CA SER B 4 -2.97 -30.02 8.39
C SER B 4 -3.29 -28.69 7.71
N ILE B 5 -3.42 -27.61 8.47
CA ILE B 5 -3.67 -26.29 7.87
C ILE B 5 -2.36 -25.75 7.32
N PRO B 6 -2.24 -25.50 6.02
CA PRO B 6 -0.98 -24.95 5.49
C PRO B 6 -0.63 -23.63 6.16
N CYS B 7 0.64 -23.48 6.50
CA CYS B 7 1.15 -22.18 6.89
C CYS B 7 1.43 -21.36 5.63
N PRO B 8 1.45 -20.03 5.75
CA PRO B 8 1.76 -19.22 4.57
C PRO B 8 3.17 -19.51 4.05
N ARG B 9 3.30 -19.53 2.73
CA ARG B 9 4.58 -19.88 2.12
C ARG B 9 5.64 -18.86 2.51
N GLY B 10 6.80 -19.35 2.92
CA GLY B 10 7.87 -18.49 3.35
C GLY B 10 8.83 -18.12 2.24
N HIS B 11 10.12 -18.31 2.49
CA HIS B 11 11.17 -17.97 1.52
C HIS B 11 12.15 -19.11 1.39
N GLY B 12 11.65 -20.35 1.40
CA GLY B 12 12.52 -21.49 1.15
C GLY B 12 13.13 -21.48 -0.23
N ALA B 13 12.38 -20.98 -1.22
CA ALA B 13 12.93 -20.87 -2.56
C ALA B 13 14.12 -19.92 -2.58
N GLN B 14 14.04 -18.82 -1.83
CA GLN B 14 15.15 -17.88 -1.78
C GLN B 14 16.38 -18.51 -1.13
N LYS B 15 16.19 -19.29 -0.07
CA LYS B 15 17.33 -19.98 0.55
C LYS B 15 17.93 -21.00 -0.41
N ALA B 16 17.09 -21.75 -1.12
CA ALA B 16 17.61 -22.69 -2.10
C ALA B 16 18.37 -21.97 -3.20
N ALA B 17 17.87 -20.81 -3.61
CA ALA B 17 18.57 -20.03 -4.62
C ALA B 17 19.91 -19.54 -4.10
N LEU B 18 19.97 -19.13 -2.84
CA LEU B 18 21.25 -18.74 -2.25
C LEU B 18 22.23 -19.90 -2.26
N VAL B 19 21.78 -21.09 -1.86
CA VAL B 19 22.66 -22.24 -1.83
C VAL B 19 23.12 -22.60 -3.23
N LEU B 20 22.22 -22.54 -4.21
CA LEU B 20 22.58 -22.83 -5.59
C LEU B 20 23.57 -21.80 -6.12
N LEU B 21 23.37 -20.53 -5.79
CA LEU B 21 24.33 -19.50 -6.19
C LEU B 21 25.70 -19.78 -5.61
N SER B 22 25.75 -20.13 -4.33
CA SER B 22 27.04 -20.46 -3.72
C SER B 22 27.70 -21.65 -4.39
N ALA B 23 26.92 -22.70 -4.65
CA ALA B 23 27.48 -23.90 -5.27
C ALA B 23 28.01 -23.60 -6.67
N CYS B 24 27.25 -22.86 -7.46
CA CYS B 24 27.69 -22.54 -8.81
C CYS B 24 28.88 -21.60 -8.81
N LEU B 25 28.92 -20.64 -7.87
CA LEU B 25 30.10 -19.77 -7.77
C LEU B 25 31.34 -20.58 -7.41
N VAL B 26 31.20 -21.51 -6.46
CA VAL B 26 32.34 -22.34 -6.08
C VAL B 26 32.79 -23.18 -7.26
N THR B 27 31.85 -23.78 -7.99
CA THR B 27 32.21 -24.60 -9.14
C THR B 27 32.91 -23.76 -10.21
N LEU B 28 32.40 -22.55 -10.46
CA LEU B 28 33.02 -21.68 -11.46
C LEU B 28 34.42 -21.30 -11.03
N TRP B 29 34.62 -21.02 -9.74
CA TRP B 29 35.96 -20.72 -9.25
C TRP B 29 36.89 -21.92 -9.46
N GLY B 30 36.40 -23.12 -9.17
CA GLY B 30 37.21 -24.31 -9.35
C GLY B 30 37.59 -24.56 -10.79
N LEU B 31 36.65 -24.35 -11.73
CA LEU B 31 36.94 -24.63 -13.13
C LEU B 31 38.03 -23.72 -13.68
N GLY B 32 38.18 -22.53 -13.11
CA GLY B 32 39.26 -21.66 -13.50
C GLY B 32 39.05 -20.86 -14.77
N GLU B 33 37.82 -20.82 -15.28
CA GLU B 33 37.56 -20.02 -16.46
C GLU B 33 37.65 -18.53 -16.10
N PRO B 34 37.97 -17.67 -17.06
CA PRO B 34 38.10 -16.24 -16.75
C PRO B 34 36.80 -15.69 -16.20
N PRO B 35 36.86 -14.80 -15.21
CA PRO B 35 35.62 -14.15 -14.75
C PRO B 35 34.95 -13.32 -15.83
N GLU B 36 35.71 -12.89 -16.84
CA GLU B 36 35.12 -12.06 -17.89
C GLU B 36 34.01 -12.80 -18.61
N HIS B 37 34.22 -14.10 -18.88
CA HIS B 37 33.19 -14.88 -19.56
C HIS B 37 31.95 -15.03 -18.69
N THR B 38 32.14 -15.19 -17.38
CA THR B 38 30.99 -15.26 -16.47
C THR B 38 30.20 -13.96 -16.49
N LEU B 39 30.88 -12.83 -16.42
CA LEU B 39 30.19 -11.55 -16.46
C LEU B 39 29.48 -11.36 -17.80
N ARG B 40 30.14 -11.76 -18.89
CA ARG B 40 29.53 -11.64 -20.20
C ARG B 40 28.27 -12.49 -20.30
N TYR B 41 28.33 -13.72 -19.82
CA TYR B 41 27.16 -14.60 -19.87
C TYR B 41 26.04 -14.02 -19.03
N LEU B 42 26.36 -13.48 -17.84
CA LEU B 42 25.29 -12.92 -17.03
C LEU B 42 24.66 -11.71 -17.69
N VAL B 43 25.46 -10.82 -18.28
CA VAL B 43 24.88 -9.65 -18.95
C VAL B 43 24.01 -10.10 -20.11
N LEU B 44 24.51 -11.05 -20.91
CA LEU B 44 23.73 -11.54 -22.05
C LEU B 44 22.44 -12.20 -21.59
N HIS B 45 22.52 -13.01 -20.53
CA HIS B 45 21.34 -13.72 -20.06
C HIS B 45 20.29 -12.76 -19.54
N LEU B 46 20.72 -11.75 -18.76
CA LEU B 46 19.76 -10.78 -18.25
C LEU B 46 19.13 -9.98 -19.37
N ALA B 47 19.93 -9.53 -20.33
CA ALA B 47 19.37 -8.78 -21.46
C ALA B 47 18.40 -9.64 -22.26
N SER B 48 18.75 -10.90 -22.50
CA SER B 48 17.87 -11.79 -23.24
C SER B 48 16.59 -12.05 -22.49
N LEU B 49 16.67 -12.25 -21.17
CA LEU B 49 15.48 -12.51 -20.39
C LEU B 49 14.56 -11.30 -20.38
N GLN B 50 15.11 -10.10 -20.23
CA GLN B 50 14.26 -8.91 -20.25
C GLN B 50 13.70 -8.65 -21.63
N LEU B 51 14.43 -8.95 -22.71
CA LEU B 51 13.83 -8.83 -24.04
C LEU B 51 12.70 -9.84 -24.21
N GLY B 52 12.88 -11.06 -23.69
CA GLY B 52 11.80 -12.03 -23.74
C GLY B 52 10.58 -11.59 -22.96
N LEU B 53 10.79 -11.01 -21.78
CA LEU B 53 9.68 -10.46 -21.02
C LEU B 53 9.02 -9.30 -21.75
N LEU B 54 9.82 -8.49 -22.45
CA LEU B 54 9.24 -7.41 -23.25
C LEU B 54 8.35 -7.96 -24.35
N LEU B 55 8.81 -9.01 -25.03
CA LEU B 55 7.99 -9.59 -26.09
C LEU B 55 6.73 -10.24 -25.52
N ASN B 56 6.85 -10.91 -24.37
CA ASN B 56 5.68 -11.50 -23.73
C ASN B 56 4.69 -10.42 -23.32
N GLY B 57 5.20 -9.31 -22.78
CA GLY B 57 4.32 -8.22 -22.40
C GLY B 57 3.66 -7.55 -23.59
N VAL B 58 4.38 -7.44 -24.70
CA VAL B 58 3.79 -6.89 -25.92
C VAL B 58 2.68 -7.81 -26.43
N CYS B 59 2.92 -9.11 -26.41
CA CYS B 59 1.89 -10.06 -26.81
C CYS B 59 0.66 -9.96 -25.91
N SER B 60 0.87 -9.84 -24.59
CA SER B 60 -0.24 -9.69 -23.68
C SER B 60 -0.98 -8.37 -23.91
N LEU B 61 -0.23 -7.29 -24.15
CA LEU B 61 -0.83 -5.99 -24.39
C LEU B 61 -1.64 -5.98 -25.67
N ALA B 62 -1.26 -6.81 -26.64
CA ALA B 62 -2.07 -6.97 -27.83
C ALA B 62 -3.45 -7.53 -27.49
N GLU B 63 -3.60 -8.14 -26.32
CA GLU B 63 -4.88 -8.62 -25.84
C GLU B 63 -5.42 -7.79 -24.69
N GLU B 64 -4.53 -7.25 -23.85
CA GLU B 64 -4.96 -6.42 -22.74
C GLU B 64 -5.51 -5.07 -23.21
N LEU B 65 -5.09 -4.60 -24.38
CA LEU B 65 -5.64 -3.37 -24.92
C LEU B 65 -7.12 -3.48 -25.21
N ARG B 66 -7.64 -4.71 -25.36
CA ARG B 66 -9.05 -4.89 -25.65
C ARG B 66 -9.94 -4.56 -24.45
N HIS B 67 -9.37 -4.57 -23.24
CA HIS B 67 -10.11 -4.25 -22.02
C HIS B 67 -9.73 -2.87 -21.50
N ILE B 68 -9.49 -1.92 -22.42
CA ILE B 68 -8.98 -0.62 -22.03
C ILE B 68 -10.00 0.11 -21.14
N HIS B 69 -11.25 0.20 -21.61
CA HIS B 69 -12.29 0.86 -20.82
C HIS B 69 -12.63 0.05 -19.56
N SER B 70 -12.81 -1.26 -19.72
CA SER B 70 -13.28 -2.07 -18.62
C SER B 70 -12.30 -2.08 -17.46
N ARG B 71 -11.01 -2.18 -17.75
CA ARG B 71 -9.99 -2.47 -16.74
C ARG B 71 -9.10 -1.28 -16.40
N TYR B 72 -8.69 -0.48 -17.38
CA TYR B 72 -7.65 0.51 -17.19
C TYR B 72 -8.15 1.92 -17.43
N ARG B 73 -9.43 2.15 -17.16
CA ARG B 73 -10.04 3.48 -17.20
C ARG B 73 -9.84 4.16 -18.55
N GLY B 74 -9.60 3.39 -19.60
CA GLY B 74 -9.45 3.96 -20.92
C GLY B 74 -8.15 4.69 -21.16
N SER B 75 -7.18 4.58 -20.27
CA SER B 75 -5.89 5.23 -20.41
C SER B 75 -4.82 4.17 -20.65
N TYR B 76 -4.01 4.40 -21.68
CA TYR B 76 -3.03 3.40 -22.11
C TYR B 76 -1.89 3.25 -21.12
N TRP B 77 -1.62 4.28 -20.31
CA TRP B 77 -0.46 4.23 -19.42
C TRP B 77 -0.58 3.06 -18.45
N ARG B 78 -1.76 2.86 -17.87
CA ARG B 78 -1.92 1.80 -16.87
C ARG B 78 -1.94 0.43 -17.53
N THR B 79 -2.48 0.35 -18.75
CA THR B 79 -2.46 -0.91 -19.48
C THR B 79 -1.05 -1.35 -19.80
N VAL B 80 -0.20 -0.43 -20.27
CA VAL B 80 1.19 -0.76 -20.50
C VAL B 80 1.90 -1.04 -19.18
N ARG B 81 1.52 -0.32 -18.12
CA ARG B 81 2.10 -0.56 -16.80
C ARG B 81 1.80 -1.97 -16.32
N ALA B 82 0.56 -2.42 -16.50
CA ALA B 82 0.11 -3.70 -15.97
C ALA B 82 0.59 -4.89 -16.79
N CYS B 83 1.17 -4.65 -17.96
CA CYS B 83 1.56 -5.73 -18.86
C CYS B 83 3.06 -5.93 -18.94
N LEU B 84 3.85 -4.85 -18.93
CA LEU B 84 5.30 -4.97 -19.02
C LEU B 84 6.01 -4.01 -18.08
N GLY B 85 5.54 -3.93 -16.83
CA GLY B 85 6.24 -3.15 -15.83
C GLY B 85 6.29 -1.67 -16.18
N CYS B 86 7.40 -1.04 -15.80
CA CYS B 86 7.55 0.39 -16.01
C CYS B 86 7.78 0.68 -17.49
N PRO B 87 6.91 1.45 -18.16
CA PRO B 87 7.15 1.72 -19.58
C PRO B 87 8.28 2.71 -19.82
N LEU B 88 8.56 3.61 -18.88
CA LEU B 88 9.70 4.51 -19.06
C LEU B 88 11.02 3.74 -19.08
N ARG B 89 11.18 2.83 -18.12
CA ARG B 89 12.40 1.99 -18.09
C ARG B 89 12.46 1.19 -19.39
N ARG B 90 11.38 0.50 -19.75
CA ARG B 90 11.37 -0.35 -20.94
C ARG B 90 11.72 0.47 -22.18
N GLY B 91 11.21 1.69 -22.27
CA GLY B 91 11.59 2.55 -23.39
C GLY B 91 13.05 2.94 -23.35
N ALA B 92 13.59 3.18 -22.16
CA ALA B 92 15.01 3.53 -22.05
C ALA B 92 15.87 2.42 -22.62
N LEU B 93 15.67 1.18 -22.15
CA LEU B 93 16.44 0.09 -22.73
C LEU B 93 16.06 -0.22 -24.18
N LEU B 94 14.84 0.13 -24.61
CA LEU B 94 14.51 -0.04 -26.02
C LEU B 94 15.36 0.89 -26.90
N LEU B 95 15.48 2.15 -26.49
CA LEU B 95 16.34 3.07 -27.22
C LEU B 95 17.80 2.65 -27.14
N LEU B 96 18.24 2.15 -25.98
CA LEU B 96 19.61 1.65 -25.89
C LEU B 96 19.84 0.51 -26.87
N SER B 97 18.88 -0.41 -26.97
CA SER B 97 19.00 -1.52 -27.91
C SER B 97 19.00 -1.04 -29.36
N ILE B 98 18.17 -0.04 -29.68
CA ILE B 98 18.17 0.51 -31.03
C ILE B 98 19.54 1.10 -31.34
N TYR B 99 20.12 1.83 -30.38
CA TYR B 99 21.46 2.38 -30.58
C TYR B 99 22.47 1.27 -30.83
N PHE B 100 22.42 0.21 -30.03
CA PHE B 100 23.35 -0.89 -30.21
C PHE B 100 23.19 -1.51 -31.59
N TYR B 101 21.94 -1.72 -32.02
CA TYR B 101 21.70 -2.35 -33.31
C TYR B 101 22.22 -1.49 -34.47
N TYR B 102 22.00 -0.18 -34.40
CA TYR B 102 22.42 0.70 -35.48
C TYR B 102 23.89 1.06 -35.43
N SER B 103 24.62 0.64 -34.39
CA SER B 103 26.02 1.00 -34.22
C SER B 103 26.97 -0.15 -34.47
N LEU B 104 26.48 -1.29 -34.94
CA LEU B 104 27.35 -2.42 -35.22
C LEU B 104 28.13 -2.18 -36.51
N PRO B 105 29.31 -2.81 -36.65
CA PRO B 105 30.18 -2.46 -37.80
C PRO B 105 29.82 -3.16 -39.10
N ASN B 106 28.62 -3.75 -39.16
CA ASN B 106 28.11 -4.44 -40.36
C ASN B 106 28.78 -5.80 -40.56
N ALA B 107 29.80 -6.11 -39.79
CA ALA B 107 30.35 -7.46 -39.72
C ALA B 107 29.73 -8.26 -38.58
N VAL B 108 28.88 -7.64 -37.77
CA VAL B 108 28.14 -8.33 -36.72
C VAL B 108 26.64 -8.17 -36.88
N GLY B 109 26.17 -7.31 -37.79
CA GLY B 109 24.77 -6.98 -37.88
C GLY B 109 23.87 -8.16 -38.15
N PRO B 110 23.98 -8.75 -39.33
CA PRO B 110 23.09 -9.87 -39.68
C PRO B 110 23.13 -10.98 -38.65
N PRO B 111 24.30 -11.31 -38.07
CA PRO B 111 24.29 -12.25 -36.94
C PRO B 111 23.41 -11.79 -35.79
N PHE B 112 23.45 -10.50 -35.46
CA PHE B 112 22.65 -10.01 -34.33
C PHE B 112 21.17 -10.03 -34.66
N THR B 113 20.82 -9.68 -35.90
CA THR B 113 19.42 -9.77 -36.31
C THR B 113 18.94 -11.22 -36.29
N TRP B 114 19.81 -12.16 -36.69
CA TRP B 114 19.48 -13.57 -36.62
C TRP B 114 19.22 -13.99 -35.18
N MET B 115 20.07 -13.56 -34.26
CA MET B 115 19.88 -13.89 -32.85
C MET B 115 18.57 -13.29 -32.32
N LEU B 116 18.29 -12.04 -32.67
CA LEU B 116 17.08 -11.40 -32.21
C LEU B 116 15.84 -12.11 -32.74
N ALA B 117 15.85 -12.48 -34.02
CA ALA B 117 14.73 -13.22 -34.58
C ALA B 117 14.57 -14.57 -33.93
N LEU B 118 15.67 -15.26 -33.62
CA LEU B 118 15.56 -16.52 -32.90
C LEU B 118 14.93 -16.34 -31.53
N LEU B 119 15.32 -15.28 -30.81
CA LEU B 119 14.71 -15.04 -29.50
C LEU B 119 13.23 -14.76 -29.65
N GLY B 120 12.84 -13.97 -30.65
CA GLY B 120 11.43 -13.72 -30.88
C GLY B 120 10.66 -15.00 -31.20
N LEU B 121 11.25 -15.86 -32.03
CA LEU B 121 10.61 -17.13 -32.37
C LEU B 121 10.46 -18.00 -31.13
N SER B 122 11.49 -18.04 -30.28
CA SER B 122 11.40 -18.82 -29.06
C SER B 122 10.30 -18.31 -28.15
N GLN B 123 10.18 -16.98 -28.01
CA GLN B 123 9.11 -16.43 -27.19
C GLN B 123 7.73 -16.73 -27.79
N ALA B 124 7.62 -16.65 -29.11
CA ALA B 124 6.35 -16.96 -29.76
C ALA B 124 5.97 -18.42 -29.53
N LEU B 125 6.94 -19.33 -29.61
CA LEU B 125 6.67 -20.72 -29.30
C LEU B 125 6.27 -20.89 -27.84
N ASN B 126 6.93 -20.17 -26.93
CA ASN B 126 6.60 -20.28 -25.52
C ASN B 126 5.16 -19.88 -25.27
N ILE B 127 4.71 -18.80 -25.91
CA ILE B 127 3.33 -18.38 -25.73
C ILE B 127 2.38 -19.35 -26.41
N LEU B 128 2.70 -19.77 -27.63
CA LEU B 128 1.76 -20.61 -28.39
C LEU B 128 1.70 -22.02 -27.84
N LEU B 129 2.85 -22.61 -27.54
CA LEU B 129 2.89 -24.00 -27.05
C LEU B 129 2.66 -24.09 -25.55
N GLY B 130 2.49 -22.98 -24.85
CA GLY B 130 2.17 -23.02 -23.44
C GLY B 130 3.31 -23.49 -22.57
N LEU B 131 4.55 -23.33 -23.02
CA LEU B 131 5.69 -23.74 -22.21
C LEU B 131 5.92 -22.81 -21.03
N LYS B 132 5.31 -21.63 -21.03
CA LYS B 132 5.30 -20.76 -19.85
C LYS B 132 4.01 -20.99 -19.07
N GLY B 133 3.90 -22.21 -18.54
CA GLY B 133 2.75 -22.62 -17.76
C GLY B 133 3.10 -22.67 -16.29
N LEU B 134 2.31 -21.95 -15.49
CA LEU B 134 2.58 -21.85 -14.07
C LEU B 134 2.31 -23.19 -13.38
N ALA B 135 3.25 -23.64 -12.56
CA ALA B 135 2.99 -24.82 -11.76
C ALA B 135 1.97 -24.50 -10.68
N PRO B 136 1.16 -25.47 -10.26
CA PRO B 136 0.08 -25.15 -9.32
C PRO B 136 0.57 -24.67 -7.98
N ALA B 137 1.84 -24.94 -7.62
CA ALA B 137 2.41 -24.28 -6.45
C ALA B 137 2.46 -22.77 -6.67
N GLU B 138 2.88 -22.33 -7.85
CA GLU B 138 2.94 -20.91 -8.13
C GLU B 138 1.53 -20.32 -8.26
N ILE B 139 0.61 -21.06 -8.87
CA ILE B 139 -0.77 -20.59 -8.93
C ILE B 139 -1.33 -20.38 -7.53
N SER B 140 -1.10 -21.35 -6.64
CA SER B 140 -1.55 -21.21 -5.27
C SER B 140 -0.88 -20.03 -4.59
N ALA B 141 0.40 -19.79 -4.88
CA ALA B 141 1.08 -18.63 -4.31
C ALA B 141 0.41 -17.33 -4.72
N VAL B 142 0.07 -17.20 -6.00
CA VAL B 142 -0.60 -15.97 -6.46
C VAL B 142 -1.98 -15.85 -5.84
N CYS B 143 -2.76 -16.93 -5.84
CA CYS B 143 -4.11 -16.86 -5.30
C CYS B 143 -4.15 -16.72 -3.79
N GLU B 144 -3.02 -16.88 -3.10
CA GLU B 144 -2.96 -16.73 -1.65
C GLU B 144 -2.08 -15.56 -1.23
N LYS B 145 -1.73 -14.67 -2.18
CA LYS B 145 -0.86 -13.54 -1.84
C LYS B 145 -1.51 -12.63 -0.80
N GLY B 146 -2.79 -12.34 -0.98
CA GLY B 146 -3.51 -11.52 -0.02
C GLY B 146 -4.95 -11.99 0.09
N ASN B 147 -5.62 -11.49 1.12
CA ASN B 147 -7.01 -11.87 1.38
C ASN B 147 -7.97 -10.86 0.77
N PHE B 148 -7.85 -10.66 -0.54
CA PHE B 148 -8.69 -9.73 -1.29
C PHE B 148 -9.45 -10.35 -2.44
N ASN B 149 -9.11 -11.58 -2.84
CA ASN B 149 -9.78 -12.23 -3.97
C ASN B 149 -11.12 -12.78 -3.46
N VAL B 150 -12.01 -11.86 -3.12
CA VAL B 150 -13.30 -12.19 -2.52
C VAL B 150 -14.41 -12.38 -3.54
N ALA B 151 -14.17 -12.07 -4.81
CA ALA B 151 -15.27 -12.04 -5.79
C ALA B 151 -15.90 -13.41 -5.95
N HIS B 152 -15.08 -14.46 -6.17
CA HIS B 152 -15.63 -15.79 -6.37
C HIS B 152 -16.36 -16.27 -5.11
N GLY B 153 -15.75 -16.04 -3.94
CA GLY B 153 -16.38 -16.45 -2.71
C GLY B 153 -17.70 -15.75 -2.48
N LEU B 154 -17.73 -14.42 -2.69
CA LEU B 154 -18.98 -13.69 -2.52
C LEU B 154 -20.03 -14.19 -3.49
N ALA B 155 -19.67 -14.41 -4.75
CA ALA B 155 -20.66 -14.84 -5.74
C ALA B 155 -21.23 -16.20 -5.37
N TRP B 156 -20.37 -17.15 -5.01
CA TRP B 156 -20.86 -18.49 -4.71
C TRP B 156 -21.67 -18.50 -3.42
N SER B 157 -21.21 -17.79 -2.40
CA SER B 157 -21.98 -17.69 -1.17
C SER B 157 -23.35 -17.09 -1.43
N TYR B 158 -23.40 -16.02 -2.22
CA TYR B 158 -24.68 -15.42 -2.57
C TYR B 158 -25.58 -16.44 -3.25
N TYR B 159 -25.08 -17.08 -4.30
CA TYR B 159 -25.89 -18.05 -5.02
C TYR B 159 -26.48 -19.08 -4.05
N ILE B 160 -25.61 -19.85 -3.40
CA ILE B 160 -26.08 -20.95 -2.56
C ILE B 160 -26.99 -20.44 -1.46
N GLY B 161 -26.55 -19.43 -0.71
CA GLY B 161 -27.32 -18.99 0.45
C GLY B 161 -28.67 -18.43 0.09
N TYR B 162 -28.75 -17.56 -0.92
CA TYR B 162 -29.95 -16.81 -1.20
C TYR B 162 -30.64 -17.23 -2.48
N LEU B 163 -29.94 -17.22 -3.62
CA LEU B 163 -30.63 -17.33 -4.89
C LEU B 163 -31.06 -18.76 -5.19
N ARG B 164 -30.27 -19.74 -4.75
CA ARG B 164 -30.66 -21.13 -4.92
C ARG B 164 -31.96 -21.45 -4.21
N LEU B 165 -32.29 -20.73 -3.15
CA LEU B 165 -33.48 -20.99 -2.36
C LEU B 165 -34.60 -19.99 -2.57
N ILE B 166 -34.32 -18.85 -3.21
CA ILE B 166 -35.33 -17.84 -3.47
C ILE B 166 -35.99 -18.03 -4.83
N LEU B 167 -35.18 -18.20 -5.87
CA LEU B 167 -35.72 -18.25 -7.22
C LEU B 167 -36.70 -19.39 -7.44
N PRO B 168 -36.47 -20.62 -6.97
CA PRO B 168 -37.39 -21.71 -7.33
C PRO B 168 -38.85 -21.43 -6.98
N GLU B 169 -39.11 -20.79 -5.85
CA GLU B 169 -40.48 -20.50 -5.42
C GLU B 169 -40.88 -19.06 -5.66
N LEU B 170 -40.01 -18.23 -6.24
CA LEU B 170 -40.34 -16.83 -6.47
C LEU B 170 -41.46 -16.68 -7.48
N GLN B 171 -41.42 -17.48 -8.56
CA GLN B 171 -42.45 -17.37 -9.58
C GLN B 171 -43.82 -17.69 -9.00
N ALA B 172 -43.90 -18.71 -8.14
CA ALA B 172 -45.15 -19.01 -7.47
C ALA B 172 -45.59 -17.85 -6.59
N ARG B 173 -44.63 -17.21 -5.90
CA ARG B 173 -44.96 -16.08 -5.05
C ARG B 173 -45.57 -14.94 -5.85
N ILE B 174 -44.96 -14.60 -6.98
CA ILE B 174 -45.48 -13.51 -7.80
C ILE B 174 -46.82 -13.90 -8.39
N ARG B 175 -46.99 -15.18 -8.74
CA ARG B 175 -48.28 -15.62 -9.28
C ARG B 175 -49.39 -15.46 -8.24
N THR B 176 -49.14 -15.89 -7.00
CA THR B 176 -50.19 -15.75 -5.99
C THR B 176 -50.45 -14.28 -5.67
N TYR B 177 -49.40 -13.45 -5.68
CA TYR B 177 -49.60 -12.03 -5.44
C TYR B 177 -50.48 -11.41 -6.52
N ASN B 178 -50.20 -11.74 -7.79
CA ASN B 178 -51.01 -11.20 -8.88
C ASN B 178 -52.45 -11.70 -8.79
N GLN B 179 -52.63 -12.98 -8.47
CA GLN B 179 -53.99 -13.52 -8.36
C GLN B 179 -54.76 -12.87 -7.22
N HIS B 180 -54.09 -12.59 -6.10
CA HIS B 180 -54.76 -12.01 -4.95
C HIS B 180 -54.95 -10.51 -5.11
N TYR B 181 -53.91 -9.80 -5.56
CA TYR B 181 -53.95 -8.36 -5.75
C TYR B 181 -53.82 -8.04 -7.23
N VAL B 189 -47.94 -9.18 -13.79
CA VAL B 189 -46.99 -8.08 -13.63
C VAL B 189 -45.96 -8.43 -12.57
N SER B 190 -45.02 -7.50 -12.33
CA SER B 190 -44.00 -7.67 -11.30
C SER B 190 -43.12 -8.88 -11.58
N GLN B 191 -43.02 -9.28 -12.85
CA GLN B 191 -42.39 -10.56 -13.17
C GLN B 191 -40.89 -10.52 -12.93
N ARG B 192 -40.37 -11.61 -12.36
CA ARG B 192 -38.94 -11.91 -12.32
C ARG B 192 -38.19 -11.06 -11.30
N LEU B 193 -37.18 -11.64 -10.66
CA LEU B 193 -36.35 -10.93 -9.70
C LEU B 193 -35.34 -10.05 -10.40
N TYR B 194 -35.09 -8.88 -9.81
CA TYR B 194 -34.11 -7.92 -10.33
C TYR B 194 -33.12 -7.60 -9.24
N ILE B 195 -31.84 -7.85 -9.51
CA ILE B 195 -30.77 -7.62 -8.55
C ILE B 195 -29.97 -6.42 -9.03
N LEU B 196 -29.98 -5.36 -8.24
CA LEU B 196 -29.21 -4.16 -8.57
C LEU B 196 -27.76 -4.35 -8.17
N LEU B 197 -26.85 -3.96 -9.05
CA LEU B 197 -25.42 -4.20 -8.90
C LEU B 197 -24.68 -2.88 -9.05
N PRO B 198 -24.67 -2.05 -8.00
CA PRO B 198 -23.89 -0.81 -8.07
C PRO B 198 -22.41 -1.08 -7.90
N LEU B 199 -21.63 -0.78 -8.95
CA LEU B 199 -20.19 -1.01 -8.89
C LEU B 199 -19.52 -0.16 -7.82
N ASP B 200 -20.11 0.98 -7.46
CA ASP B 200 -19.66 1.71 -6.28
C ASP B 200 -20.05 1.00 -4.99
N CYS B 201 -20.92 0.00 -5.06
CA CYS B 201 -21.33 -0.78 -3.90
C CYS B 201 -21.88 0.12 -2.80
N GLY B 202 -22.70 1.09 -3.19
CA GLY B 202 -23.43 1.89 -2.23
C GLY B 202 -24.85 1.38 -2.05
N VAL B 203 -25.09 0.71 -0.94
CA VAL B 203 -26.36 0.04 -0.67
C VAL B 203 -27.08 0.84 0.43
N PRO B 204 -28.10 1.62 0.10
CA PRO B 204 -28.89 2.27 1.15
C PRO B 204 -29.78 1.26 1.85
N ASP B 205 -30.30 1.67 3.01
CA ASP B 205 -31.19 0.80 3.77
C ASP B 205 -32.45 0.46 2.97
N ASN B 206 -33.03 1.45 2.30
CA ASN B 206 -34.16 1.25 1.40
C ASN B 206 -33.92 2.01 0.11
N LEU B 207 -34.63 1.60 -0.94
CA LEU B 207 -34.37 2.09 -2.28
C LEU B 207 -34.84 3.51 -2.52
N SER B 208 -35.82 3.99 -1.75
CA SER B 208 -36.47 5.26 -2.08
C SER B 208 -35.48 6.42 -2.03
N MET B 209 -34.70 6.54 -0.95
CA MET B 209 -33.70 7.60 -0.89
C MET B 209 -32.66 7.50 -2.00
N ALA B 210 -32.47 6.32 -2.58
CA ALA B 210 -31.55 6.21 -3.71
C ALA B 210 -32.14 6.80 -4.99
N ASP B 211 -33.46 6.77 -5.13
CA ASP B 211 -34.13 7.25 -6.33
C ASP B 211 -35.56 7.63 -5.99
N PRO B 212 -35.99 8.87 -6.19
CA PRO B 212 -37.36 9.23 -5.77
C PRO B 212 -38.44 8.60 -6.62
N ASN B 213 -38.11 8.05 -7.79
CA ASN B 213 -39.10 7.39 -8.63
C ASN B 213 -39.33 5.93 -8.26
N ILE B 214 -38.63 5.41 -7.25
CA ILE B 214 -38.83 4.07 -6.74
C ILE B 214 -39.41 4.21 -5.33
N ARG B 215 -40.64 3.73 -5.14
CA ARG B 215 -41.29 3.81 -3.85
C ARG B 215 -41.88 2.47 -3.47
N PHE B 216 -41.73 2.12 -2.20
CA PHE B 216 -42.25 0.86 -1.69
C PHE B 216 -43.73 0.74 -1.98
N LEU B 217 -44.14 -0.42 -2.48
CA LEU B 217 -45.55 -0.72 -2.74
C LEU B 217 -46.08 -1.79 -1.80
N ASP B 218 -45.41 -2.94 -1.72
CA ASP B 218 -45.87 -4.01 -0.85
C ASP B 218 -44.75 -5.04 -0.69
N LYS B 219 -44.92 -5.93 0.27
CA LYS B 219 -44.01 -7.04 0.49
C LYS B 219 -44.47 -8.23 -0.34
N LEU B 220 -43.90 -9.40 -0.07
CA LEU B 220 -44.26 -10.63 -0.76
C LEU B 220 -44.56 -11.72 0.25
N PRO B 221 -45.58 -12.55 0.02
CA PRO B 221 -45.88 -13.61 0.98
C PRO B 221 -44.73 -14.61 1.10
N GLN B 222 -44.63 -15.21 2.28
CA GLN B 222 -43.57 -16.17 2.57
C GLN B 222 -42.20 -15.56 2.40
N ARG B 233 -36.59 -19.09 5.79
CA ARG B 233 -36.63 -18.21 6.94
C ARG B 233 -37.49 -16.98 6.60
N VAL B 234 -37.04 -15.76 6.96
CA VAL B 234 -37.88 -14.60 6.75
C VAL B 234 -38.05 -14.31 5.27
N TYR B 235 -36.97 -14.35 4.50
CA TYR B 235 -36.99 -14.13 3.06
C TYR B 235 -37.83 -12.90 2.70
N SER B 236 -37.38 -11.75 3.19
CA SER B 236 -38.11 -10.49 3.00
C SER B 236 -37.75 -9.92 1.64
N ASN B 237 -38.60 -10.18 0.65
CA ASN B 237 -38.47 -9.58 -0.68
C ASN B 237 -39.60 -8.58 -0.87
N SER B 238 -39.24 -7.39 -1.34
CA SER B 238 -40.18 -6.29 -1.48
C SER B 238 -40.53 -6.05 -2.95
N ILE B 239 -41.77 -5.65 -3.19
CA ILE B 239 -42.24 -5.28 -4.51
C ILE B 239 -42.14 -3.77 -4.64
N TYR B 240 -41.52 -3.30 -5.72
CA TYR B 240 -41.29 -1.89 -5.95
C TYR B 240 -41.96 -1.47 -7.26
N GLU B 241 -42.52 -0.28 -7.26
CA GLU B 241 -43.19 0.29 -8.42
C GLU B 241 -42.36 1.44 -8.96
N LEU B 242 -42.28 1.53 -10.28
CA LEU B 242 -41.42 2.50 -10.95
C LEU B 242 -42.28 3.54 -11.65
N LEU B 243 -41.98 4.81 -11.41
CA LEU B 243 -42.75 5.92 -11.93
C LEU B 243 -41.93 6.65 -12.99
N GLU B 244 -42.47 6.74 -14.21
CA GLU B 244 -41.86 7.48 -15.30
C GLU B 244 -42.69 8.74 -15.52
N ASN B 245 -42.10 9.90 -15.21
CA ASN B 245 -42.80 11.18 -15.30
C ASN B 245 -44.09 11.14 -14.47
N GLY B 246 -44.02 10.50 -13.30
CA GLY B 246 -45.15 10.35 -12.42
C GLY B 246 -46.02 9.16 -12.74
N GLN B 247 -46.13 8.79 -14.02
CA GLN B 247 -46.92 7.63 -14.42
C GLN B 247 -46.18 6.34 -14.06
N ARG B 248 -46.88 5.40 -13.44
CA ARG B 248 -46.29 4.13 -13.07
C ARG B 248 -46.10 3.29 -14.32
N ALA B 249 -44.85 3.19 -14.78
CA ALA B 249 -44.53 2.43 -15.98
C ALA B 249 -44.15 0.99 -15.63
N GLY B 250 -45.04 0.30 -14.93
CA GLY B 250 -44.81 -1.07 -14.51
C GLY B 250 -44.15 -1.17 -13.15
N THR B 251 -44.25 -2.37 -12.57
CA THR B 251 -43.67 -2.67 -11.27
C THR B 251 -42.84 -3.93 -11.39
N CYS B 252 -41.89 -4.08 -10.46
CA CYS B 252 -40.96 -5.20 -10.49
C CYS B 252 -40.37 -5.40 -9.10
N VAL B 253 -39.98 -6.64 -8.82
CA VAL B 253 -39.41 -6.99 -7.53
C VAL B 253 -37.93 -6.58 -7.56
N LEU B 254 -37.60 -5.50 -6.87
CA LEU B 254 -36.25 -4.96 -6.87
C LEU B 254 -35.52 -5.42 -5.61
N GLU B 255 -34.19 -5.59 -5.75
CA GLU B 255 -33.39 -6.11 -4.62
C GLU B 255 -31.91 -5.79 -4.83
N TYR B 256 -31.24 -5.22 -3.83
CA TYR B 256 -29.82 -4.93 -3.90
C TYR B 256 -29.03 -6.21 -3.66
N ALA B 257 -27.84 -6.27 -4.24
CA ALA B 257 -26.95 -7.41 -4.03
C ALA B 257 -26.34 -7.29 -2.64
N THR B 258 -26.77 -8.16 -1.73
CA THR B 258 -26.24 -8.14 -0.37
C THR B 258 -24.72 -8.25 -0.33
N PRO B 259 -24.06 -9.12 -1.08
CA PRO B 259 -22.59 -9.24 -0.95
C PRO B 259 -21.85 -7.97 -1.32
N LEU B 260 -22.48 -7.05 -2.05
CA LEU B 260 -21.83 -5.77 -2.32
C LEU B 260 -21.79 -4.89 -1.08
N GLN B 261 -22.58 -5.20 -0.05
CA GLN B 261 -22.41 -4.53 1.23
C GLN B 261 -21.12 -4.93 1.91
N THR B 262 -20.71 -6.20 1.76
CA THR B 262 -19.46 -6.65 2.37
C THR B 262 -18.27 -5.92 1.78
N LEU B 263 -18.25 -5.75 0.45
CA LEU B 263 -17.13 -5.02 -0.16
C LEU B 263 -17.08 -3.58 0.32
N PHE B 264 -18.23 -2.92 0.41
CA PHE B 264 -18.25 -1.56 0.93
C PHE B 264 -17.73 -1.51 2.35
N ALA B 265 -18.24 -2.38 3.21
CA ALA B 265 -17.77 -2.44 4.59
C ALA B 265 -16.32 -2.92 4.66
N MET B 266 -15.87 -3.71 3.69
CA MET B 266 -14.46 -4.11 3.66
C MET B 266 -13.55 -2.90 3.54
N SER B 267 -13.89 -1.97 2.66
CA SER B 267 -13.02 -0.81 2.45
C SER B 267 -13.07 0.17 3.61
N GLN B 268 -14.24 0.32 4.22
CA GLN B 268 -14.38 1.17 5.40
C GLN B 268 -13.76 0.55 6.64
N TYR B 269 -13.34 -0.72 6.56
CA TYR B 269 -12.75 -1.39 7.71
C TYR B 269 -11.46 -0.71 8.15
N SER B 270 -10.63 -0.28 7.21
CA SER B 270 -9.44 0.54 7.43
C SER B 270 -8.27 -0.23 8.01
N GLN B 271 -8.46 -1.49 8.41
CA GLN B 271 -7.35 -2.34 8.83
C GLN B 271 -7.06 -3.46 7.84
N ALA B 272 -7.94 -3.68 6.87
CA ALA B 272 -7.68 -4.66 5.83
C ALA B 272 -6.82 -4.11 4.70
N GLY B 273 -6.69 -2.79 4.58
CA GLY B 273 -5.99 -2.22 3.46
C GLY B 273 -6.76 -2.31 2.16
N PHE B 274 -8.08 -2.48 2.22
CA PHE B 274 -8.90 -2.67 1.04
C PHE B 274 -9.28 -1.31 0.49
N SER B 275 -8.67 -0.95 -0.64
CA SER B 275 -8.85 0.38 -1.20
C SER B 275 -10.13 0.46 -2.03
N ARG B 276 -10.44 1.68 -2.49
CA ARG B 276 -11.64 1.89 -3.32
C ARG B 276 -11.42 1.26 -4.71
N GLU B 277 -10.18 1.31 -5.22
CA GLU B 277 -9.92 0.68 -6.51
C GLU B 277 -10.11 -0.83 -6.43
N ASP B 278 -9.61 -1.46 -5.36
CA ASP B 278 -9.87 -2.88 -5.16
C ASP B 278 -11.35 -3.14 -4.93
N ARG B 279 -12.06 -2.19 -4.32
CA ARG B 279 -13.49 -2.33 -4.15
C ARG B 279 -14.20 -2.40 -5.49
N LEU B 280 -13.81 -1.56 -6.44
CA LEU B 280 -14.44 -1.55 -7.74
C LEU B 280 -13.99 -2.73 -8.59
N GLU B 281 -12.71 -3.11 -8.48
CA GLU B 281 -12.21 -4.24 -9.26
C GLU B 281 -12.94 -5.53 -8.90
N GLN B 282 -13.16 -5.75 -7.60
CA GLN B 282 -13.79 -7.00 -7.17
C GLN B 282 -15.30 -6.97 -7.36
N ALA B 283 -15.92 -5.80 -7.22
CA ALA B 283 -17.34 -5.68 -7.57
C ALA B 283 -17.54 -6.00 -9.04
N LYS B 284 -16.63 -5.53 -9.89
CA LYS B 284 -16.70 -5.88 -11.31
C LYS B 284 -16.50 -7.38 -11.51
N LEU B 285 -15.50 -7.96 -10.85
CA LEU B 285 -15.28 -9.40 -10.95
C LEU B 285 -16.47 -10.17 -10.39
N PHE B 286 -17.00 -9.73 -9.24
CA PHE B 286 -18.20 -10.37 -8.70
C PHE B 286 -19.37 -10.23 -9.66
N CYS B 287 -19.48 -9.09 -10.34
CA CYS B 287 -20.57 -8.89 -11.27
C CYS B 287 -20.53 -9.93 -12.39
N ARG B 288 -19.34 -10.21 -12.92
CA ARG B 288 -19.20 -11.17 -14.00
C ARG B 288 -19.35 -12.61 -13.47
N THR B 289 -18.74 -12.90 -12.33
CA THR B 289 -18.79 -14.27 -11.81
C THR B 289 -20.24 -14.69 -11.54
N LEU B 290 -21.03 -13.82 -10.92
CA LEU B 290 -22.40 -14.18 -10.60
C LEU B 290 -23.18 -14.50 -11.87
N GLU B 291 -22.97 -13.73 -12.93
CA GLU B 291 -23.63 -14.02 -14.20
C GLU B 291 -23.21 -15.38 -14.73
N ASP B 292 -21.92 -15.71 -14.64
CA ASP B 292 -21.44 -17.01 -15.11
C ASP B 292 -22.08 -18.14 -14.32
N ILE B 293 -22.17 -18.00 -13.00
CA ILE B 293 -22.83 -19.03 -12.19
C ILE B 293 -24.30 -19.15 -12.59
N LEU B 294 -24.98 -18.03 -12.77
CA LEU B 294 -26.40 -18.02 -13.07
C LEU B 294 -26.70 -18.42 -14.51
N ALA B 295 -25.70 -18.39 -15.39
CA ALA B 295 -25.94 -18.77 -16.79
C ALA B 295 -26.37 -20.23 -16.88
N ASP B 296 -25.73 -21.11 -16.10
CA ASP B 296 -26.00 -22.54 -16.16
C ASP B 296 -26.69 -23.06 -14.91
N ALA B 297 -27.17 -22.18 -14.04
CA ALA B 297 -27.83 -22.65 -12.83
C ALA B 297 -29.18 -23.28 -13.16
N PRO B 298 -29.57 -24.37 -12.48
CA PRO B 298 -30.86 -24.99 -12.81
C PRO B 298 -32.06 -24.08 -12.61
N GLU B 299 -32.03 -23.19 -11.62
CA GLU B 299 -33.19 -22.39 -11.22
C GLU B 299 -32.97 -20.90 -11.46
N SER B 300 -32.41 -20.55 -12.62
CA SER B 300 -32.18 -19.16 -12.97
C SER B 300 -32.50 -18.86 -14.42
N GLN B 301 -33.15 -19.79 -15.14
CA GLN B 301 -33.52 -19.56 -16.53
C GLN B 301 -34.79 -18.74 -16.58
N ASN B 302 -34.69 -17.50 -17.07
CA ASN B 302 -35.85 -16.61 -17.17
C ASN B 302 -36.44 -16.33 -15.79
N ASN B 303 -35.62 -16.42 -14.74
CA ASN B 303 -36.08 -16.26 -13.37
C ASN B 303 -35.44 -15.10 -12.63
N CYS B 304 -34.40 -14.47 -13.19
CA CYS B 304 -33.80 -13.31 -12.54
C CYS B 304 -33.02 -12.50 -13.57
N ARG B 305 -32.82 -11.22 -13.25
CA ARG B 305 -32.07 -10.29 -14.08
C ARG B 305 -31.02 -9.60 -13.23
N LEU B 306 -29.90 -9.26 -13.87
CA LEU B 306 -28.79 -8.58 -13.22
C LEU B 306 -28.64 -7.20 -13.84
N ILE B 307 -28.71 -6.17 -12.98
CA ILE B 307 -28.65 -4.78 -13.41
C ILE B 307 -27.41 -4.16 -12.79
N ALA B 308 -26.40 -3.89 -13.62
CA ALA B 308 -25.15 -3.28 -13.19
C ALA B 308 -25.10 -1.85 -13.68
N TYR B 309 -24.78 -0.91 -12.79
CA TYR B 309 -24.75 0.49 -13.13
C TYR B 309 -23.64 1.18 -12.34
N GLN B 310 -23.19 2.31 -12.87
CA GLN B 310 -22.13 3.10 -12.26
C GLN B 310 -22.58 4.54 -12.10
N GLU B 311 -22.30 5.11 -10.94
CA GLU B 311 -22.62 6.52 -10.70
C GLU B 311 -21.64 7.40 -11.49
N PRO B 312 -22.12 8.41 -12.22
CA PRO B 312 -21.17 9.20 -13.01
C PRO B 312 -20.48 10.28 -12.19
N PHE B 318 -27.49 10.18 -14.45
CA PHE B 318 -27.98 8.81 -14.37
C PHE B 318 -29.14 8.72 -13.38
N SER B 319 -30.26 8.17 -13.85
CA SER B 319 -31.43 7.94 -13.01
C SER B 319 -31.67 6.44 -12.88
N LEU B 320 -31.77 5.96 -11.65
CA LEU B 320 -31.92 4.53 -11.42
C LEU B 320 -33.21 4.00 -12.03
N SER B 321 -34.29 4.77 -11.97
CA SER B 321 -35.56 4.29 -12.49
C SER B 321 -35.45 3.92 -13.96
N GLN B 322 -34.87 4.80 -14.77
CA GLN B 322 -34.72 4.51 -16.19
C GLN B 322 -33.83 3.30 -16.40
N GLU B 323 -32.79 3.14 -15.59
CA GLU B 323 -31.91 1.98 -15.69
C GLU B 323 -32.72 0.70 -15.52
N VAL B 324 -33.54 0.64 -14.47
CA VAL B 324 -34.38 -0.53 -14.24
C VAL B 324 -35.45 -0.63 -15.31
N LEU B 325 -36.03 0.51 -15.72
CA LEU B 325 -37.10 0.48 -16.70
C LEU B 325 -36.65 -0.15 -18.02
N ARG B 326 -35.42 0.13 -18.44
CA ARG B 326 -34.95 -0.38 -19.72
C ARG B 326 -35.01 -1.90 -19.78
N HIS B 327 -34.75 -2.57 -18.67
CA HIS B 327 -34.80 -4.03 -18.63
C HIS B 327 -36.22 -4.59 -18.59
N LEU B 328 -37.20 -3.79 -18.18
CA LEU B 328 -38.58 -4.28 -18.19
C LEU B 328 -39.17 -4.29 -19.60
N ARG B 329 -38.70 -3.41 -20.48
CA ARG B 329 -39.25 -3.36 -21.83
C ARG B 329 -38.99 -4.66 -22.58
N GLN B 330 -37.79 -5.24 -22.43
CA GLN B 330 -37.45 -6.45 -23.17
C GLN B 330 -38.33 -7.64 -22.78
N GLU B 331 -38.72 -7.74 -21.50
CA GLU B 331 -39.57 -8.82 -21.01
C GLU B 331 -39.04 -10.18 -21.44
N LEU C 1 12.02 9.55 27.95
CA LEU C 1 10.54 9.49 27.80
C LEU C 1 10.05 8.06 27.84
N HIS C 2 10.50 7.25 26.88
CA HIS C 2 10.09 5.86 26.77
C HIS C 2 11.06 5.18 25.80
N PRO C 3 11.67 4.05 26.14
CA PRO C 3 12.71 3.49 25.27
C PRO C 3 12.27 3.30 23.82
N SER C 4 11.02 2.94 23.58
CA SER C 4 10.57 2.75 22.20
C SER C 4 10.61 4.03 21.40
N ILE C 5 10.57 5.19 22.04
CA ILE C 5 10.55 6.48 21.33
C ILE C 5 11.90 6.65 20.66
N PRO C 6 11.97 6.80 19.33
CA PRO C 6 13.27 7.02 18.71
C PRO C 6 13.93 8.31 19.18
N CYS C 7 15.23 8.25 19.40
CA CYS C 7 16.01 9.44 19.63
C CYS C 7 16.42 10.04 18.28
N PRO C 8 16.72 11.34 18.23
CA PRO C 8 17.10 11.93 16.94
C PRO C 8 18.39 11.32 16.42
N ARG C 9 18.45 11.19 15.09
CA ARG C 9 19.58 10.51 14.47
C ARG C 9 20.88 11.26 14.74
N GLY C 10 21.91 10.50 15.10
CA GLY C 10 23.20 11.06 15.44
C GLY C 10 24.16 11.10 14.27
N HIS C 11 25.45 11.04 14.58
CA HIS C 11 26.51 11.14 13.60
C HIS C 11 27.24 9.81 13.42
N GLY C 12 26.55 8.69 13.65
CA GLY C 12 27.18 7.39 13.47
C GLY C 12 27.60 7.14 12.04
N ALA C 13 26.87 7.70 11.08
CA ALA C 13 27.27 7.57 9.69
C ALA C 13 28.62 8.22 9.45
N GLN C 14 28.87 9.36 10.09
CA GLN C 14 30.18 10.01 9.96
C GLN C 14 31.28 9.15 10.56
N LYS C 15 31.02 8.50 11.70
CA LYS C 15 32.02 7.62 12.29
C LYS C 15 32.30 6.43 11.38
N ALA C 16 31.25 5.85 10.79
CA ALA C 16 31.45 4.74 9.86
C ALA C 16 32.23 5.20 8.64
N ALA C 17 31.95 6.39 8.14
CA ALA C 17 32.71 6.93 7.02
C ALA C 17 34.17 7.14 7.40
N LEU C 18 34.42 7.55 8.65
CA LEU C 18 35.81 7.69 9.10
C LEU C 18 36.51 6.35 9.16
N VAL C 19 35.81 5.31 9.62
CA VAL C 19 36.39 3.98 9.65
C VAL C 19 36.70 3.51 8.23
N LEU C 20 35.76 3.74 7.31
CA LEU C 20 35.99 3.39 5.91
C LEU C 20 37.19 4.16 5.34
N LEU C 21 37.29 5.44 5.68
CA LEU C 21 38.42 6.25 5.24
C LEU C 21 39.73 5.66 5.74
N SER C 22 39.78 5.31 7.03
CA SER C 22 41.00 4.74 7.59
C SER C 22 41.37 3.43 6.89
N ALA C 23 40.38 2.56 6.68
CA ALA C 23 40.66 1.28 6.03
C ALA C 23 41.15 1.50 4.61
N CYS C 24 40.51 2.39 3.85
CA CYS C 24 40.88 2.61 2.47
C CYS C 24 42.28 3.22 2.35
N LEU C 25 42.59 4.20 3.21
CA LEU C 25 43.93 4.78 3.17
C LEU C 25 44.99 3.78 3.59
N VAL C 26 44.70 2.94 4.60
CA VAL C 26 45.64 1.88 4.96
C VAL C 26 45.86 0.97 3.76
N THR C 27 44.79 0.63 3.05
CA THR C 27 44.93 -0.21 1.87
C THR C 27 45.81 0.45 0.82
N LEU C 28 45.51 1.70 0.46
CA LEU C 28 46.30 2.39 -0.55
C LEU C 28 47.77 2.45 -0.16
N TRP C 29 48.05 2.66 1.12
CA TRP C 29 49.45 2.63 1.56
C TRP C 29 50.03 1.25 1.39
N GLY C 30 49.24 0.20 1.61
CA GLY C 30 49.75 -1.15 1.47
C GLY C 30 50.11 -1.50 0.05
N LEU C 31 49.24 -1.17 -0.91
CA LEU C 31 49.47 -1.58 -2.29
C LEU C 31 50.76 -0.99 -2.85
N GLY C 32 50.98 0.31 -2.64
CA GLY C 32 52.18 0.95 -3.13
C GLY C 32 52.04 1.68 -4.44
N GLU C 33 50.83 1.84 -4.96
CA GLU C 33 50.64 2.72 -6.11
C GLU C 33 51.05 4.13 -5.72
N PRO C 34 51.67 4.90 -6.63
CA PRO C 34 52.21 6.19 -6.24
C PRO C 34 51.10 7.15 -5.82
N PRO C 35 51.35 8.03 -4.86
CA PRO C 35 50.28 8.93 -4.40
C PRO C 35 49.67 9.79 -5.49
N GLU C 36 50.46 10.22 -6.48
CA GLU C 36 49.92 11.18 -7.44
C GLU C 36 48.83 10.56 -8.29
N HIS C 37 49.01 9.31 -8.73
CA HIS C 37 47.97 8.65 -9.51
C HIS C 37 46.69 8.49 -8.69
N THR C 38 46.84 8.08 -7.42
CA THR C 38 45.67 7.97 -6.55
C THR C 38 44.93 9.29 -6.44
N LEU C 39 45.66 10.37 -6.16
CA LEU C 39 45.02 11.67 -5.98
C LEU C 39 44.36 12.12 -7.28
N ARG C 40 45.03 11.93 -8.41
CA ARG C 40 44.48 12.37 -9.69
C ARG C 40 43.21 11.62 -10.02
N TYR C 41 43.19 10.30 -9.81
CA TYR C 41 41.97 9.55 -10.08
C TYR C 41 40.87 9.89 -9.10
N LEU C 42 41.22 10.20 -7.85
CA LEU C 42 40.20 10.64 -6.90
C LEU C 42 39.55 11.95 -7.34
N VAL C 43 40.37 12.91 -7.79
CA VAL C 43 39.79 14.18 -8.21
C VAL C 43 38.97 13.97 -9.48
N LEU C 44 39.42 13.08 -10.37
CA LEU C 44 38.64 12.81 -11.58
C LEU C 44 37.29 12.20 -11.22
N HIS C 45 37.28 11.24 -10.28
CA HIS C 45 36.01 10.63 -9.86
C HIS C 45 35.09 11.67 -9.22
N LEU C 46 35.63 12.53 -8.35
CA LEU C 46 34.80 13.53 -7.71
C LEU C 46 34.26 14.52 -8.72
N ALA C 47 35.07 14.91 -9.70
CA ALA C 47 34.61 15.81 -10.75
C ALA C 47 33.51 15.17 -11.58
N SER C 48 33.67 13.89 -11.93
CA SER C 48 32.64 13.21 -12.68
C SER C 48 31.34 13.14 -11.89
N LEU C 49 31.43 12.81 -10.60
CA LEU C 49 30.23 12.76 -9.77
C LEU C 49 29.56 14.12 -9.67
N GLN C 50 30.36 15.18 -9.54
CA GLN C 50 29.78 16.52 -9.41
C GLN C 50 29.12 16.97 -10.71
N LEU C 51 29.75 16.68 -11.85
CA LEU C 51 29.11 17.03 -13.12
C LEU C 51 27.85 16.20 -13.33
N GLY C 52 27.85 14.95 -12.86
CA GLY C 52 26.63 14.16 -12.92
C GLY C 52 25.52 14.75 -12.07
N LEU C 53 25.87 15.25 -10.89
CA LEU C 53 24.88 15.94 -10.06
C LEU C 53 24.39 17.22 -10.75
N LEU C 54 25.29 17.91 -11.44
CA LEU C 54 24.88 19.09 -12.21
C LEU C 54 23.87 18.71 -13.29
N LEU C 55 24.12 17.61 -14.00
CA LEU C 55 23.17 17.14 -15.00
C LEU C 55 21.85 16.73 -14.37
N ASN C 56 21.90 16.07 -13.21
CA ASN C 56 20.68 15.71 -12.51
C ASN C 56 19.88 16.94 -12.13
N GLY C 57 20.55 17.99 -11.67
CA GLY C 57 19.86 19.23 -11.35
C GLY C 57 19.27 19.89 -12.58
N VAL C 58 20.00 19.86 -13.70
CA VAL C 58 19.48 20.43 -14.93
C VAL C 58 18.23 19.69 -15.36
N CYS C 59 18.24 18.36 -15.24
CA CYS C 59 17.04 17.59 -15.53
C CYS C 59 15.90 17.96 -14.59
N SER C 60 16.21 18.13 -13.31
CA SER C 60 15.19 18.56 -12.36
C SER C 60 14.72 19.98 -12.62
N LEU C 61 15.52 20.78 -13.33
CA LEU C 61 15.09 22.12 -13.70
C LEU C 61 13.88 22.09 -14.61
N ALA C 62 13.71 21.01 -15.38
CA ALA C 62 12.52 20.89 -16.22
C ALA C 62 11.27 20.85 -15.36
N GLU C 63 11.31 20.12 -14.25
CA GLU C 63 10.14 20.03 -13.37
C GLU C 63 9.98 21.28 -12.52
N GLU C 64 11.09 21.87 -12.07
CA GLU C 64 11.02 23.01 -11.17
C GLU C 64 10.71 24.32 -11.90
N LEU C 65 10.90 24.37 -13.22
CA LEU C 65 10.54 25.56 -13.97
C LEU C 65 9.04 25.67 -14.24
N ARG C 66 8.29 24.58 -14.06
CA ARG C 66 6.85 24.66 -14.19
C ARG C 66 6.20 25.32 -12.98
N HIS C 67 6.89 25.33 -11.84
CA HIS C 67 6.44 26.01 -10.63
C HIS C 67 7.24 27.28 -10.41
N ILE C 68 7.62 27.95 -11.49
CA ILE C 68 8.45 29.16 -11.39
C ILE C 68 7.69 30.24 -10.63
N HIS C 69 6.41 30.43 -10.93
CA HIS C 69 5.63 31.47 -10.28
C HIS C 69 5.06 31.01 -8.96
N SER C 70 4.60 29.75 -8.89
CA SER C 70 3.95 29.27 -7.68
C SER C 70 4.96 29.07 -6.55
N ARG C 71 6.08 28.43 -6.83
CA ARG C 71 6.99 27.98 -5.78
C ARG C 71 8.17 28.92 -5.54
N TYR C 72 8.55 29.74 -6.52
CA TYR C 72 9.79 30.51 -6.42
C TYR C 72 9.60 31.99 -6.74
N ARG C 73 8.38 32.51 -6.61
CA ARG C 73 8.12 33.94 -6.75
C ARG C 73 8.56 34.48 -8.11
N GLY C 74 8.45 33.66 -9.15
CA GLY C 74 8.79 34.13 -10.49
C GLY C 74 10.23 34.57 -10.63
N SER C 75 11.16 33.88 -9.98
CA SER C 75 12.58 34.18 -10.05
C SER C 75 13.33 32.94 -10.49
N TYR C 76 14.06 33.04 -11.60
CA TYR C 76 14.84 31.91 -12.08
C TYR C 76 15.95 31.55 -11.13
N TRP C 77 16.61 32.56 -10.55
CA TRP C 77 17.69 32.31 -9.61
C TRP C 77 17.23 31.36 -8.51
N ARG C 78 16.04 31.58 -7.97
CA ARG C 78 15.54 30.72 -6.91
C ARG C 78 15.36 29.30 -7.40
N THR C 79 14.86 29.12 -8.62
CA THR C 79 14.67 27.78 -9.16
C THR C 79 15.99 27.04 -9.31
N VAL C 80 16.99 27.70 -9.91
CA VAL C 80 18.29 27.04 -10.05
C VAL C 80 18.90 26.75 -8.69
N ARG C 81 18.75 27.67 -7.73
CA ARG C 81 19.27 27.40 -6.40
C ARG C 81 18.58 26.18 -5.80
N ALA C 82 17.28 26.02 -6.04
CA ALA C 82 16.56 24.90 -5.48
C ALA C 82 16.90 23.60 -6.19
N CYS C 83 17.42 23.66 -7.41
CA CYS C 83 17.76 22.43 -8.12
C CYS C 83 19.15 21.92 -7.77
N LEU C 84 20.12 22.81 -7.56
CA LEU C 84 21.47 22.41 -7.17
C LEU C 84 21.60 22.46 -5.65
N GLY C 85 22.11 21.38 -5.07
CA GLY C 85 22.16 21.24 -3.63
C GLY C 85 23.05 22.23 -2.93
N CYS C 86 24.36 22.11 -3.12
CA CYS C 86 25.34 22.97 -2.48
C CYS C 86 26.12 23.72 -3.55
N PRO C 87 25.69 24.93 -3.94
CA PRO C 87 26.43 25.66 -4.98
C PRO C 87 27.89 25.88 -4.64
N LEU C 88 28.20 26.16 -3.38
CA LEU C 88 29.58 26.47 -3.01
C LEU C 88 30.48 25.24 -3.11
N ARG C 89 30.03 24.11 -2.56
CA ARG C 89 30.84 22.90 -2.57
C ARG C 89 31.05 22.40 -3.99
N ARG C 90 29.97 22.38 -4.79
CA ARG C 90 30.10 21.98 -6.18
C ARG C 90 30.99 22.95 -6.96
N GLY C 91 30.87 24.24 -6.68
CA GLY C 91 31.76 25.19 -7.34
C GLY C 91 33.21 24.93 -7.02
N ALA C 92 33.52 24.64 -5.75
CA ALA C 92 34.89 24.32 -5.38
C ALA C 92 35.38 23.06 -6.08
N LEU C 93 34.54 22.02 -6.13
CA LEU C 93 34.96 20.77 -6.76
C LEU C 93 35.20 20.96 -8.26
N LEU C 94 34.30 21.66 -8.94
CA LEU C 94 34.53 21.97 -10.36
C LEU C 94 35.74 22.86 -10.55
N LEU C 95 36.02 23.78 -9.62
CA LEU C 95 37.24 24.58 -9.74
C LEU C 95 38.48 23.69 -9.65
N LEU C 96 38.48 22.74 -8.72
CA LEU C 96 39.61 21.81 -8.64
C LEU C 96 39.73 20.98 -9.92
N SER C 97 38.60 20.53 -10.45
CA SER C 97 38.63 19.76 -11.70
C SER C 97 39.22 20.58 -12.84
N ILE C 98 38.81 21.85 -12.95
CA ILE C 98 39.35 22.71 -13.99
C ILE C 98 40.86 22.92 -13.77
N TYR C 99 41.28 23.10 -12.52
CA TYR C 99 42.69 23.27 -12.23
C TYR C 99 43.48 22.04 -12.65
N PHE C 100 42.92 20.85 -12.48
CA PHE C 100 43.61 19.61 -12.80
C PHE C 100 43.42 19.19 -14.26
N TYR C 101 43.12 20.13 -15.15
CA TYR C 101 43.03 19.85 -16.57
C TYR C 101 43.79 20.89 -17.38
N PRO C 111 38.70 10.23 -27.34
CA PRO C 111 38.34 11.65 -27.43
C PRO C 111 37.84 12.22 -26.11
N PHE C 112 37.43 13.49 -26.12
CA PHE C 112 36.93 14.16 -24.93
C PHE C 112 35.41 14.25 -24.92
N THR C 113 34.78 14.57 -26.05
CA THR C 113 33.33 14.63 -26.11
C THR C 113 32.68 13.27 -25.96
N TRP C 114 33.43 12.19 -26.17
CA TRP C 114 32.87 10.85 -26.03
C TRP C 114 32.46 10.58 -24.59
N MET C 115 33.31 10.95 -23.63
CA MET C 115 33.00 10.67 -22.23
C MET C 115 31.94 11.62 -21.68
N LEU C 116 31.79 12.81 -22.27
CA LEU C 116 30.71 13.69 -21.84
C LEU C 116 29.35 13.09 -22.18
N ALA C 117 29.22 12.53 -23.39
CA ALA C 117 27.98 11.86 -23.75
C ALA C 117 27.76 10.61 -22.91
N LEU C 118 28.83 9.84 -22.68
CA LEU C 118 28.71 8.62 -21.88
C LEU C 118 28.28 8.95 -20.46
N LEU C 119 28.90 9.97 -19.86
CA LEU C 119 28.52 10.35 -18.50
C LEU C 119 27.09 10.88 -18.47
N GLY C 120 26.68 11.62 -19.50
CA GLY C 120 25.30 12.05 -19.58
C GLY C 120 24.33 10.90 -19.78
N LEU C 121 24.71 9.93 -20.61
CA LEU C 121 23.83 8.78 -20.84
C LEU C 121 23.59 8.03 -19.55
N SER C 122 24.66 7.81 -18.77
CA SER C 122 24.52 7.11 -17.50
C SER C 122 23.65 7.88 -16.52
N GLN C 123 23.83 9.20 -16.46
CA GLN C 123 22.99 10.02 -15.59
C GLN C 123 21.54 10.00 -16.04
N ALA C 124 21.30 9.97 -17.35
CA ALA C 124 19.93 9.88 -17.83
C ALA C 124 19.26 8.61 -17.36
N LEU C 125 19.98 7.49 -17.41
CA LEU C 125 19.42 6.22 -16.96
C LEU C 125 19.28 6.16 -15.45
N ASN C 126 20.08 6.93 -14.71
CA ASN C 126 19.90 7.00 -13.26
C ASN C 126 18.54 7.58 -12.92
N ILE C 127 18.13 8.64 -13.62
CA ILE C 127 16.82 9.23 -13.39
C ILE C 127 15.72 8.32 -13.91
N LEU C 128 15.88 7.80 -15.11
CA LEU C 128 14.78 7.07 -15.76
C LEU C 128 14.50 5.76 -15.04
N LEU C 129 15.54 5.04 -14.64
CA LEU C 129 15.38 3.78 -13.91
C LEU C 129 15.29 3.98 -12.40
N GLY C 130 15.35 5.23 -11.93
CA GLY C 130 15.15 5.51 -10.51
C GLY C 130 16.19 4.88 -9.61
N LEU C 131 17.47 4.99 -9.95
CA LEU C 131 18.54 4.41 -9.15
C LEU C 131 19.04 5.32 -8.05
N LYS C 132 18.60 6.58 -8.01
CA LYS C 132 18.94 7.50 -6.94
C LYS C 132 17.83 7.59 -5.90
N GLY C 133 16.84 6.70 -5.97
CA GLY C 133 15.76 6.74 -5.01
C GLY C 133 16.26 6.58 -3.60
N LEU C 134 15.72 7.39 -2.70
CA LEU C 134 16.16 7.40 -1.31
C LEU C 134 15.69 6.15 -0.59
N ALA C 135 16.56 5.60 0.26
CA ALA C 135 16.19 4.48 1.09
C ALA C 135 15.25 4.93 2.20
N PRO C 136 14.47 4.02 2.77
CA PRO C 136 13.54 4.44 3.85
C PRO C 136 14.24 5.14 5.00
N ALA C 137 15.47 4.74 5.33
CA ALA C 137 16.21 5.45 6.37
C ALA C 137 16.46 6.90 5.97
N GLU C 138 16.82 7.14 4.71
CA GLU C 138 17.07 8.50 4.26
C GLU C 138 15.78 9.28 4.03
N ILE C 139 14.71 8.62 3.59
CA ILE C 139 13.43 9.30 3.44
C ILE C 139 12.95 9.83 4.78
N SER C 140 13.05 9.02 5.83
CA SER C 140 12.56 9.45 7.14
C SER C 140 13.51 10.45 7.79
N ALA C 141 14.81 10.35 7.51
CA ALA C 141 15.75 11.30 8.09
C ALA C 141 15.42 12.72 7.65
N VAL C 142 15.11 12.90 6.36
CA VAL C 142 14.73 14.22 5.87
C VAL C 142 13.42 14.68 6.51
N CYS C 143 12.46 13.77 6.65
CA CYS C 143 11.14 14.13 7.14
C CYS C 143 11.16 14.59 8.60
N GLU C 144 12.22 14.29 9.34
CA GLU C 144 12.38 14.73 10.72
C GLU C 144 13.62 15.61 10.88
N LYS C 145 13.97 16.36 9.83
CA LYS C 145 15.11 17.26 9.93
C LYS C 145 14.84 18.35 10.96
N GLY C 146 13.63 18.90 10.97
CA GLY C 146 13.23 19.90 11.94
C GLY C 146 11.84 19.58 12.46
N ASN C 147 11.09 20.64 12.78
CA ASN C 147 9.70 20.51 13.22
C ASN C 147 8.84 21.56 12.54
N PHE C 148 9.01 21.73 11.24
CA PHE C 148 8.29 22.76 10.47
C PHE C 148 7.52 22.18 9.30
N ASN C 149 7.42 20.86 9.18
CA ASN C 149 6.61 20.23 8.14
C ASN C 149 5.20 20.02 8.68
N VAL C 150 4.53 21.14 8.95
CA VAL C 150 3.29 21.16 9.70
C VAL C 150 2.06 21.13 8.82
N ALA C 151 2.20 21.24 7.50
CA ALA C 151 1.03 21.36 6.65
C ALA C 151 0.20 20.07 6.67
N HIS C 152 0.85 18.91 6.65
CA HIS C 152 0.10 17.65 6.63
C HIS C 152 -0.69 17.45 7.91
N GLY C 153 -0.06 17.69 9.07
CA GLY C 153 -0.77 17.51 10.33
C GLY C 153 -1.90 18.50 10.52
N LEU C 154 -1.66 19.76 10.15
CA LEU C 154 -2.70 20.77 10.27
C LEU C 154 -3.92 20.44 9.43
N ALA C 155 -3.70 19.97 8.21
CA ALA C 155 -4.83 19.62 7.34
C ALA C 155 -5.61 18.44 7.88
N TRP C 156 -4.92 17.39 8.34
CA TRP C 156 -5.61 16.23 8.88
C TRP C 156 -6.33 16.56 10.19
N SER C 157 -5.74 17.42 11.01
CA SER C 157 -6.42 17.85 12.23
C SER C 157 -7.70 18.60 11.90
N TYR C 158 -7.67 19.47 10.89
CA TYR C 158 -8.87 20.21 10.51
C TYR C 158 -9.95 19.27 10.01
N TYR C 159 -9.58 18.30 9.17
CA TYR C 159 -10.58 17.40 8.60
C TYR C 159 -11.13 16.47 9.66
N ILE C 160 -10.26 15.65 10.27
CA ILE C 160 -10.69 14.68 11.26
C ILE C 160 -11.33 15.35 12.47
N GLY C 161 -11.09 16.64 12.66
CA GLY C 161 -11.66 17.37 13.77
C GLY C 161 -12.89 18.16 13.37
N TYR C 162 -12.70 19.45 13.13
CA TYR C 162 -13.83 20.34 12.89
C TYR C 162 -14.62 19.93 11.64
N LEU C 163 -13.92 19.62 10.56
CA LEU C 163 -14.60 19.52 9.26
C LEU C 163 -15.43 18.25 9.14
N ARG C 164 -14.89 17.11 9.58
CA ARG C 164 -15.62 15.85 9.42
C ARG C 164 -16.92 15.83 10.19
N LEU C 165 -16.99 16.56 11.31
CA LEU C 165 -18.18 16.59 12.15
C LEU C 165 -19.03 17.84 11.93
N ILE C 166 -18.79 18.56 10.83
CA ILE C 166 -19.57 19.74 10.47
C ILE C 166 -20.24 19.58 9.12
N LEU C 167 -19.51 19.07 8.13
CA LEU C 167 -20.03 19.02 6.77
C LEU C 167 -21.33 18.24 6.64
N PRO C 168 -21.47 17.02 7.17
CA PRO C 168 -22.68 16.26 6.90
C PRO C 168 -23.93 16.82 7.55
N GLU C 169 -23.80 17.52 8.68
CA GLU C 169 -24.94 18.18 9.30
C GLU C 169 -25.10 19.62 8.86
N LEU C 170 -24.18 20.13 8.02
CA LEU C 170 -24.28 21.52 7.57
C LEU C 170 -25.48 21.72 6.65
N GLN C 171 -25.63 20.85 5.65
CA GLN C 171 -26.74 20.99 4.73
C GLN C 171 -28.08 20.94 5.46
N ALA C 172 -28.15 20.17 6.54
CA ALA C 172 -29.38 20.12 7.33
C ALA C 172 -29.67 21.47 7.97
N ARG C 173 -28.70 22.04 8.68
CA ARG C 173 -28.94 23.31 9.36
C ARG C 173 -29.18 24.43 8.37
N ILE C 174 -28.57 24.34 7.19
CA ILE C 174 -28.88 25.29 6.13
C ILE C 174 -30.32 25.12 5.69
N ARG C 175 -30.80 23.87 5.65
CA ARG C 175 -32.14 23.59 5.13
C ARG C 175 -33.22 24.12 6.07
N THR C 176 -32.90 24.30 7.35
CA THR C 176 -33.88 24.82 8.30
C THR C 176 -33.84 26.34 8.42
N TYR C 177 -32.89 27.00 7.75
CA TYR C 177 -32.77 28.44 7.92
C TYR C 177 -33.63 29.21 6.92
N ASN C 178 -33.68 28.76 5.67
CA ASN C 178 -34.43 29.49 4.65
C ASN C 178 -35.92 29.53 4.95
N GLN C 179 -36.44 28.64 5.79
CA GLN C 179 -37.85 28.62 6.11
C GLN C 179 -38.08 28.96 7.59
N VAL C 189 -28.97 31.98 1.25
CA VAL C 189 -27.88 31.29 1.94
C VAL C 189 -27.37 30.18 1.04
N SER C 190 -26.07 30.19 0.78
CA SER C 190 -25.47 29.14 -0.04
C SER C 190 -25.50 27.81 0.72
N GLN C 191 -25.46 26.72 -0.05
CA GLN C 191 -25.52 25.38 0.51
C GLN C 191 -24.15 24.81 0.82
N ARG C 192 -23.08 25.58 0.64
CA ARG C 192 -21.71 25.12 0.83
C ARG C 192 -21.09 25.83 2.02
N LEU C 193 -20.12 25.17 2.65
CA LEU C 193 -19.27 25.81 3.65
C LEU C 193 -18.06 26.39 2.96
N TYR C 194 -17.82 27.68 3.15
CA TYR C 194 -16.78 28.42 2.44
C TYR C 194 -15.65 28.70 3.40
N ILE C 195 -14.51 28.03 3.21
CA ILE C 195 -13.33 28.24 4.02
C ILE C 195 -12.40 29.21 3.31
N LEU C 196 -12.18 30.37 3.92
CA LEU C 196 -11.21 31.33 3.41
C LEU C 196 -9.82 30.92 3.85
N LEU C 197 -8.86 31.05 2.93
CA LEU C 197 -7.48 30.64 3.16
C LEU C 197 -6.55 31.75 2.69
N PRO C 198 -6.39 32.81 3.49
CA PRO C 198 -5.39 33.82 3.12
C PRO C 198 -3.97 33.32 3.37
N LEU C 199 -3.17 33.34 2.31
CA LEU C 199 -1.81 32.82 2.35
C LEU C 199 -0.92 33.62 3.27
N ASP C 200 -1.32 34.82 3.66
CA ASP C 200 -0.59 35.56 4.70
C ASP C 200 -0.91 35.07 6.10
N CYS C 201 -1.90 34.19 6.25
CA CYS C 201 -2.27 33.59 7.53
C CYS C 201 -2.74 34.63 8.54
N GLY C 202 -3.11 35.82 8.08
CA GLY C 202 -3.63 36.85 8.95
C GLY C 202 -5.15 36.88 8.95
N VAL C 203 -5.76 36.36 10.00
CA VAL C 203 -7.21 36.25 10.12
C VAL C 203 -7.64 36.98 11.38
N PRO C 204 -8.54 37.96 11.32
CA PRO C 204 -8.96 38.66 12.54
C PRO C 204 -9.95 37.82 13.33
N ASP C 205 -10.44 38.42 14.44
CA ASP C 205 -11.40 37.73 15.29
C ASP C 205 -12.70 37.46 14.55
N ASN C 206 -13.20 38.46 13.82
CA ASN C 206 -14.34 38.29 12.92
C ASN C 206 -13.95 38.82 11.55
N LEU C 207 -14.91 38.79 10.63
CA LEU C 207 -14.66 39.12 9.24
C LEU C 207 -14.98 40.56 8.89
N SER C 208 -15.43 41.37 9.85
CA SER C 208 -15.74 42.77 9.55
C SER C 208 -14.47 43.53 9.16
N MET C 209 -13.39 43.38 9.94
CA MET C 209 -12.13 44.02 9.56
C MET C 209 -11.58 43.54 8.22
N ALA C 210 -11.93 42.32 7.80
CA ALA C 210 -11.41 41.82 6.53
C ALA C 210 -11.83 42.74 5.38
N ASP C 211 -13.13 42.88 5.16
CA ASP C 211 -13.68 43.81 4.19
C ASP C 211 -14.85 44.55 4.83
N PRO C 212 -15.10 45.81 4.45
CA PRO C 212 -16.32 46.47 4.91
C PRO C 212 -17.58 45.93 4.26
N ASN C 213 -17.44 45.12 3.22
CA ASN C 213 -18.56 44.57 2.47
C ASN C 213 -19.08 43.26 3.07
N ILE C 214 -18.52 42.81 4.18
CA ILE C 214 -18.98 41.59 4.86
C ILE C 214 -19.36 41.97 6.28
N ARG C 215 -20.59 41.69 6.67
CA ARG C 215 -21.08 41.96 8.01
C ARG C 215 -21.79 40.74 8.57
N PHE C 216 -21.72 40.61 9.89
CA PHE C 216 -22.38 39.49 10.58
C PHE C 216 -23.89 39.58 10.43
N LEU C 217 -24.51 38.42 10.21
CA LEU C 217 -25.96 38.33 10.10
C LEU C 217 -26.58 37.52 11.23
N ASP C 218 -26.15 36.27 11.42
CA ASP C 218 -26.70 35.41 12.47
C ASP C 218 -25.85 34.15 12.54
N LYS C 219 -26.26 33.22 13.39
CA LYS C 219 -25.54 31.99 13.68
C LYS C 219 -26.33 30.79 13.14
N LEU C 220 -25.77 29.60 13.34
CA LEU C 220 -26.41 28.35 12.98
C LEU C 220 -26.54 27.46 14.22
N PRO C 221 -27.75 26.98 14.57
CA PRO C 221 -27.89 26.03 15.68
C PRO C 221 -26.87 24.89 15.64
N ARG C 233 -19.69 18.40 19.86
CA ARG C 233 -19.77 19.47 20.84
C ARG C 233 -20.42 20.71 20.21
N VAL C 234 -20.44 21.82 20.96
CA VAL C 234 -21.04 23.05 20.45
C VAL C 234 -20.24 23.55 19.26
N TYR C 235 -20.94 23.85 18.17
CA TYR C 235 -20.33 24.35 16.94
C TYR C 235 -20.92 25.70 16.61
N SER C 236 -20.07 26.68 16.40
CA SER C 236 -20.46 28.08 16.20
C SER C 236 -20.14 28.47 14.76
N ASN C 237 -21.13 28.39 13.89
CA ASN C 237 -20.98 28.77 12.49
C ASN C 237 -21.78 30.05 12.24
N SER C 238 -21.21 30.93 11.42
CA SER C 238 -21.74 32.27 11.19
C SER C 238 -22.20 32.43 9.75
N ILE C 239 -23.29 33.17 9.58
CA ILE C 239 -23.77 33.58 8.25
C ILE C 239 -23.28 34.99 7.98
N TYR C 240 -22.70 35.19 6.80
CA TYR C 240 -22.16 36.49 6.40
C TYR C 240 -22.76 36.86 5.05
N GLU C 241 -23.57 37.91 5.03
CA GLU C 241 -24.14 38.40 3.78
C GLU C 241 -23.11 39.24 3.04
N LEU C 242 -22.99 39.01 1.74
CA LEU C 242 -22.08 39.75 0.87
C LEU C 242 -22.88 40.70 -0.01
N LEU C 243 -22.37 41.91 -0.19
CA LEU C 243 -23.09 42.96 -0.89
C LEU C 243 -22.15 43.68 -1.86
N GLU C 244 -22.74 44.33 -2.87
CA GLU C 244 -22.03 45.22 -3.75
C GLU C 244 -22.67 46.60 -3.73
N ASN C 245 -21.84 47.63 -3.58
CA ASN C 245 -22.28 49.02 -3.62
C ASN C 245 -23.42 49.25 -2.64
N GLY C 246 -23.31 48.60 -1.48
CA GLY C 246 -24.30 48.74 -0.44
C GLY C 246 -25.57 47.94 -0.69
N GLN C 247 -25.56 47.12 -1.74
CA GLN C 247 -26.72 46.32 -2.12
C GLN C 247 -26.41 44.85 -1.93
N ARG C 248 -27.35 44.13 -1.33
CA ARG C 248 -27.19 42.70 -1.12
C ARG C 248 -26.96 42.00 -2.46
N ALA C 249 -26.02 41.05 -2.47
CA ALA C 249 -25.76 40.25 -3.67
C ALA C 249 -25.52 38.78 -3.38
N GLY C 250 -25.57 38.36 -2.12
CA GLY C 250 -25.38 36.96 -1.80
C GLY C 250 -25.07 36.74 -0.34
N THR C 251 -25.33 35.53 0.16
CA THR C 251 -25.07 35.18 1.54
C THR C 251 -24.57 33.75 1.60
N CYS C 252 -23.64 33.49 2.52
CA CYS C 252 -23.07 32.16 2.65
C CYS C 252 -22.42 32.02 4.01
N VAL C 253 -22.14 30.77 4.38
CA VAL C 253 -21.46 30.46 5.65
C VAL C 253 -19.97 30.60 5.40
N LEU C 254 -19.43 31.77 5.73
CA LEU C 254 -18.05 32.13 5.48
C LEU C 254 -17.28 32.09 6.79
N GLU C 255 -16.21 31.29 6.80
CA GLU C 255 -15.41 31.11 8.05
C GLU C 255 -13.94 30.90 7.69
N TYR C 256 -13.03 31.47 8.47
CA TYR C 256 -11.61 31.32 8.25
C TYR C 256 -11.17 29.90 8.63
N ALA C 257 -10.04 29.48 8.09
CA ALA C 257 -9.48 28.18 8.43
C ALA C 257 -8.76 28.29 9.76
N THR C 258 -9.21 27.50 10.73
CA THR C 258 -8.61 27.56 12.07
C THR C 258 -7.11 27.31 12.07
N PRO C 259 -6.57 26.29 11.38
CA PRO C 259 -5.14 25.99 11.55
C PRO C 259 -4.20 27.02 10.95
N LEU C 260 -4.71 28.09 10.35
CA LEU C 260 -3.84 29.19 9.94
C LEU C 260 -3.42 30.04 11.13
N GLN C 261 -4.23 30.06 12.19
CA GLN C 261 -3.75 30.62 13.46
C GLN C 261 -2.43 29.99 13.87
N THR C 262 -2.35 28.66 13.78
CA THR C 262 -1.14 27.97 14.18
C THR C 262 0.05 28.39 13.35
N LEU C 263 -0.14 28.51 12.03
CA LEU C 263 0.96 28.92 11.16
C LEU C 263 1.39 30.34 11.46
N PHE C 264 0.42 31.24 11.67
CA PHE C 264 0.76 32.63 12.00
C PHE C 264 1.35 32.73 13.39
N ALA C 265 0.76 32.04 14.37
CA ALA C 265 1.26 32.11 15.73
C ALA C 265 2.68 31.55 15.82
N MET C 266 3.01 30.55 15.01
CA MET C 266 4.37 30.03 15.01
C MET C 266 5.38 31.10 14.61
N SER C 267 5.06 31.88 13.58
CA SER C 267 5.97 32.91 13.12
C SER C 267 6.22 33.94 14.21
N GLN C 268 5.17 34.36 14.92
CA GLN C 268 5.32 35.28 16.03
C GLN C 268 6.10 34.67 17.17
N TYR C 269 6.09 33.35 17.29
CA TYR C 269 6.83 32.64 18.34
C TYR C 269 8.30 32.68 17.97
N SER C 270 9.06 33.55 18.64
CA SER C 270 10.43 33.83 18.23
C SER C 270 11.33 32.61 18.36
N GLN C 271 11.15 31.83 19.43
CA GLN C 271 12.09 30.74 19.70
C GLN C 271 11.99 29.60 18.70
N ALA C 272 10.93 29.54 17.90
CA ALA C 272 10.83 28.50 16.89
C ALA C 272 11.81 28.72 15.75
N GLY C 273 11.90 29.95 15.26
CA GLY C 273 12.63 30.23 14.04
C GLY C 273 11.81 30.12 12.78
N PHE C 274 10.48 30.16 12.91
CA PHE C 274 9.58 30.02 11.76
C PHE C 274 9.47 31.37 11.07
N SER C 275 9.95 31.44 9.83
CA SER C 275 9.97 32.68 9.07
C SER C 275 8.71 32.80 8.22
N ARG C 276 8.50 34.00 7.67
CA ARG C 276 7.34 34.23 6.81
C ARG C 276 7.40 33.33 5.59
N GLU C 277 8.57 33.18 4.99
CA GLU C 277 8.70 32.34 3.80
C GLU C 277 8.35 30.89 4.12
N ASP C 278 8.82 30.39 5.26
CA ASP C 278 8.43 29.06 5.68
C ASP C 278 6.94 29.00 6.00
N ARG C 279 6.41 30.03 6.67
CA ARG C 279 4.98 30.05 6.96
C ARG C 279 4.17 30.07 5.68
N LEU C 280 4.58 30.89 4.71
CA LEU C 280 3.87 30.97 3.45
C LEU C 280 4.00 29.68 2.64
N GLU C 281 5.11 28.95 2.81
CA GLU C 281 5.25 27.67 2.11
C GLU C 281 4.32 26.62 2.69
N GLN C 282 4.25 26.50 4.01
CA GLN C 282 3.35 25.53 4.63
C GLN C 282 1.89 25.93 4.43
N ALA C 283 1.60 27.23 4.37
CA ALA C 283 0.23 27.66 4.11
C ALA C 283 -0.25 27.15 2.76
N LYS C 284 0.60 27.22 1.73
CA LYS C 284 0.21 26.74 0.42
C LYS C 284 0.07 25.23 0.39
N LEU C 285 1.06 24.51 0.93
CA LEU C 285 1.00 23.05 0.89
C LEU C 285 -0.21 22.55 1.66
N PHE C 286 -0.48 23.14 2.83
CA PHE C 286 -1.67 22.77 3.58
C PHE C 286 -2.93 23.09 2.79
N CYS C 287 -2.94 24.18 2.03
CA CYS C 287 -4.08 24.49 1.17
C CYS C 287 -4.29 23.38 0.15
N ARG C 288 -3.21 22.96 -0.52
CA ARG C 288 -3.33 21.87 -1.49
C ARG C 288 -3.65 20.55 -0.80
N THR C 289 -3.00 20.29 0.34
CA THR C 289 -3.25 19.04 1.04
C THR C 289 -4.70 18.92 1.45
N LEU C 290 -5.29 20.00 1.96
CA LEU C 290 -6.69 19.96 2.36
C LEU C 290 -7.61 19.69 1.17
N GLU C 291 -7.20 20.10 -0.03
CA GLU C 291 -8.03 19.84 -1.21
C GLU C 291 -8.04 18.36 -1.56
N ASP C 292 -6.87 17.70 -1.48
CA ASP C 292 -6.84 16.27 -1.78
C ASP C 292 -7.61 15.46 -0.75
N ILE C 293 -7.56 15.85 0.52
CA ILE C 293 -8.37 15.18 1.54
C ILE C 293 -9.85 15.30 1.20
N LEU C 294 -10.28 16.51 0.84
CA LEU C 294 -11.67 16.75 0.55
C LEU C 294 -12.10 16.22 -0.81
N ALA C 295 -11.16 16.02 -1.73
CA ALA C 295 -11.51 15.46 -3.03
C ALA C 295 -12.03 14.04 -2.89
N ASP C 296 -11.39 13.23 -2.05
CA ASP C 296 -11.78 11.84 -1.83
C ASP C 296 -12.64 11.66 -0.58
N ALA C 297 -12.99 12.73 0.11
CA ALA C 297 -13.75 12.60 1.33
C ALA C 297 -15.19 12.21 1.02
N PRO C 298 -15.89 11.52 1.95
CA PRO C 298 -17.29 11.20 1.71
C PRO C 298 -18.25 12.31 2.12
N GLU C 299 -17.78 13.23 2.98
CA GLU C 299 -18.64 14.27 3.54
C GLU C 299 -18.45 15.62 2.86
N SER C 300 -17.63 15.71 1.82
CA SER C 300 -17.35 16.99 1.16
C SER C 300 -17.91 17.06 -0.26
N GLN C 301 -18.88 16.22 -0.59
CA GLN C 301 -19.45 16.19 -1.93
C GLN C 301 -20.43 17.34 -2.08
N ASN C 302 -20.02 18.38 -2.82
CA ASN C 302 -20.86 19.56 -3.04
C ASN C 302 -21.28 20.19 -1.72
N ASN C 303 -20.35 20.20 -0.75
CA ASN C 303 -20.64 20.69 0.59
C ASN C 303 -19.62 21.73 1.04
N CYS C 304 -18.39 21.63 0.53
CA CYS C 304 -17.29 22.48 0.95
C CYS C 304 -16.64 23.13 -0.25
N ARG C 305 -16.28 24.41 -0.10
CA ARG C 305 -15.57 25.15 -1.12
C ARG C 305 -14.42 25.90 -0.47
N LEU C 306 -13.23 25.82 -1.06
CA LEU C 306 -12.04 26.47 -0.54
C LEU C 306 -11.73 27.70 -1.38
N ILE C 307 -11.40 28.80 -0.71
CA ILE C 307 -11.10 30.07 -1.37
C ILE C 307 -9.71 30.48 -0.93
N ALA C 308 -8.70 30.13 -1.72
CA ALA C 308 -7.33 30.52 -1.47
C ALA C 308 -7.07 31.86 -2.15
N TYR C 309 -6.64 32.85 -1.39
CA TYR C 309 -6.41 34.19 -1.91
C TYR C 309 -5.17 34.78 -1.27
N GLN C 310 -4.59 35.77 -1.95
CA GLN C 310 -3.37 36.42 -1.51
C GLN C 310 -3.41 37.88 -1.92
N GLU C 311 -3.29 38.78 -0.96
CA GLU C 311 -3.28 40.20 -1.28
C GLU C 311 -2.04 40.51 -2.12
N PRO C 312 -2.16 41.35 -3.17
CA PRO C 312 -1.02 41.70 -4.03
C PRO C 312 0.31 41.92 -3.30
N PHE C 318 -7.36 44.89 -3.55
CA PHE C 318 -8.02 43.59 -3.52
C PHE C 318 -9.20 43.61 -2.55
N SER C 319 -10.35 43.14 -3.03
CA SER C 319 -11.58 43.10 -2.25
C SER C 319 -11.96 41.65 -2.02
N LEU C 320 -12.04 41.25 -0.75
CA LEU C 320 -12.38 39.87 -0.42
C LEU C 320 -13.78 39.53 -0.89
N SER C 321 -14.72 40.46 -0.74
CA SER C 321 -16.11 40.17 -1.10
C SER C 321 -16.23 39.75 -2.55
N GLN C 322 -15.54 40.44 -3.45
CA GLN C 322 -15.59 40.08 -4.86
C GLN C 322 -15.01 38.70 -5.09
N GLU C 323 -13.91 38.37 -4.41
CA GLU C 323 -13.30 37.06 -4.61
C GLU C 323 -14.24 35.95 -4.20
N VAL C 324 -14.90 36.11 -3.04
CA VAL C 324 -15.86 35.10 -2.61
C VAL C 324 -17.06 35.08 -3.54
N LEU C 325 -17.54 36.26 -3.93
CA LEU C 325 -18.71 36.33 -4.80
C LEU C 325 -18.49 35.61 -6.11
N ARG C 326 -17.25 35.55 -6.59
CA ARG C 326 -16.96 34.79 -7.81
C ARG C 326 -17.37 33.33 -7.63
N HIS C 327 -17.08 32.76 -6.45
CA HIS C 327 -17.48 31.38 -6.19
C HIS C 327 -18.98 31.26 -5.96
N LEU C 328 -19.62 32.29 -5.41
CA LEU C 328 -21.06 32.26 -5.21
C LEU C 328 -21.79 32.16 -6.55
N ARG C 329 -21.38 32.96 -7.53
CA ARG C 329 -21.97 32.91 -8.86
C ARG C 329 -21.65 31.64 -9.61
N GLN C 330 -20.61 30.90 -9.20
CA GLN C 330 -20.25 29.67 -9.90
C GLN C 330 -21.35 28.61 -9.83
N GLU C 331 -22.26 28.72 -8.86
CA GLU C 331 -23.35 27.77 -8.73
C GLU C 331 -24.28 27.84 -9.93
N LEU D 1 -7.85 26.49 -7.61
CA LEU D 1 -7.72 27.09 -6.25
C LEU D 1 -7.05 28.47 -6.33
N HIS D 2 -5.79 28.48 -6.74
CA HIS D 2 -5.01 29.71 -6.85
C HIS D 2 -3.77 29.41 -7.67
N PRO D 3 -3.38 30.25 -8.64
CA PRO D 3 -2.17 29.95 -9.40
C PRO D 3 -0.90 30.02 -8.58
N SER D 4 -0.94 30.62 -7.40
CA SER D 4 0.21 30.63 -6.52
C SER D 4 0.33 29.35 -5.71
N ILE D 5 -0.70 28.52 -5.68
CA ILE D 5 -0.64 27.25 -4.96
C ILE D 5 0.14 26.24 -5.81
N PRO D 6 1.28 25.72 -5.35
CA PRO D 6 2.00 24.74 -6.18
C PRO D 6 1.13 23.54 -6.49
N CYS D 7 1.19 23.08 -7.74
CA CYS D 7 0.63 21.79 -8.09
C CYS D 7 1.61 20.69 -7.69
N PRO D 8 1.14 19.48 -7.49
CA PRO D 8 2.07 18.39 -7.14
C PRO D 8 3.06 18.16 -8.26
N ARG D 9 4.31 17.87 -7.87
CA ARG D 9 5.38 17.71 -8.85
C ARG D 9 5.08 16.52 -9.76
N GLY D 10 5.24 16.72 -11.06
CA GLY D 10 4.95 15.69 -12.03
C GLY D 10 6.16 14.85 -12.38
N HIS D 11 6.41 14.69 -13.67
CA HIS D 11 7.52 13.89 -14.16
C HIS D 11 8.30 14.64 -15.22
N GLY D 12 8.49 15.94 -15.01
CA GLY D 12 9.32 16.71 -15.92
C GLY D 12 10.76 16.26 -15.93
N ALA D 13 11.26 15.82 -14.78
CA ALA D 13 12.62 15.28 -14.72
C ALA D 13 12.75 14.04 -15.59
N GLN D 14 11.73 13.19 -15.59
CA GLN D 14 11.77 11.99 -16.43
C GLN D 14 11.79 12.35 -17.91
N LYS D 15 10.99 13.35 -18.32
CA LYS D 15 11.01 13.78 -19.70
C LYS D 15 12.36 14.37 -20.08
N ALA D 16 12.94 15.18 -19.20
CA ALA D 16 14.27 15.73 -19.46
C ALA D 16 15.29 14.61 -19.57
N ALA D 17 15.17 13.58 -18.73
CA ALA D 17 16.07 12.45 -18.81
C ALA D 17 15.91 11.70 -20.13
N LEU D 18 14.67 11.56 -20.60
CA LEU D 18 14.45 10.93 -21.90
C LEU D 18 15.12 11.73 -23.01
N VAL D 19 14.96 13.05 -22.99
CA VAL D 19 15.56 13.89 -24.01
C VAL D 19 17.07 13.80 -23.95
N LEU D 20 17.63 13.81 -22.75
CA LEU D 20 19.08 13.72 -22.59
C LEU D 20 19.58 12.37 -23.07
N LEU D 21 18.85 11.30 -22.77
CA LEU D 21 19.21 9.98 -23.26
C LEU D 21 19.24 9.95 -24.77
N SER D 22 18.21 10.52 -25.40
CA SER D 22 18.16 10.56 -26.85
C SER D 22 19.34 11.36 -27.42
N ALA D 23 19.63 12.51 -26.83
CA ALA D 23 20.71 13.36 -27.33
C ALA D 23 22.05 12.64 -27.20
N CYS D 24 22.30 12.02 -26.05
CA CYS D 24 23.57 11.32 -25.85
C CYS D 24 23.69 10.09 -26.74
N LEU D 25 22.58 9.38 -26.96
CA LEU D 25 22.62 8.24 -27.88
C LEU D 25 22.93 8.71 -29.30
N VAL D 26 22.31 9.80 -29.73
CA VAL D 26 22.58 10.32 -31.07
C VAL D 26 24.04 10.76 -31.18
N THR D 27 24.56 11.44 -30.16
CA THR D 27 25.95 11.87 -30.19
C THR D 27 26.89 10.67 -30.24
N LEU D 28 26.61 9.65 -29.44
CA LEU D 28 27.45 8.45 -29.43
C LEU D 28 27.42 7.77 -30.79
N TRP D 29 26.24 7.70 -31.42
CA TRP D 29 26.16 7.14 -32.76
C TRP D 29 26.99 7.94 -33.74
N GLY D 30 26.93 9.27 -33.65
CA GLY D 30 27.69 10.10 -34.55
C GLY D 30 29.19 9.95 -34.36
N LEU D 31 29.66 9.84 -33.12
CA LEU D 31 31.09 9.75 -32.87
C LEU D 31 31.68 8.48 -33.47
N GLY D 32 30.88 7.42 -33.59
CA GLY D 32 31.33 6.21 -34.25
C GLY D 32 32.16 5.28 -33.39
N GLU D 33 32.20 5.49 -32.08
CA GLU D 33 32.95 4.59 -31.23
C GLU D 33 32.22 3.24 -31.15
N PRO D 34 32.94 2.15 -30.90
CA PRO D 34 32.28 0.83 -30.85
C PRO D 34 31.20 0.80 -29.80
N PRO D 35 30.07 0.15 -30.06
CA PRO D 35 29.06 -0.01 -29.00
C PRO D 35 29.58 -0.80 -27.82
N GLU D 36 30.60 -1.62 -28.01
CA GLU D 36 31.11 -2.44 -26.91
C GLU D 36 31.61 -1.56 -25.77
N HIS D 37 32.30 -0.47 -26.11
CA HIS D 37 32.79 0.43 -25.07
C HIS D 37 31.65 1.11 -24.33
N THR D 38 30.58 1.46 -25.05
CA THR D 38 29.42 2.04 -24.39
C THR D 38 28.79 1.05 -23.41
N LEU D 39 28.63 -0.19 -23.83
CA LEU D 39 28.06 -1.20 -22.94
C LEU D 39 28.97 -1.44 -21.74
N ARG D 40 30.29 -1.47 -21.98
CA ARG D 40 31.24 -1.66 -20.90
C ARG D 40 31.16 -0.53 -19.90
N TYR D 41 31.10 0.72 -20.38
CA TYR D 41 31.01 1.85 -19.48
C TYR D 41 29.73 1.81 -18.68
N LEU D 42 28.61 1.45 -19.33
CA LEU D 42 27.35 1.39 -18.59
C LEU D 42 27.39 0.32 -17.52
N VAL D 43 27.93 -0.87 -17.83
CA VAL D 43 28.00 -1.92 -16.82
C VAL D 43 28.89 -1.48 -15.67
N LEU D 44 30.05 -0.89 -15.99
CA LEU D 44 30.95 -0.44 -14.94
C LEU D 44 30.32 0.65 -14.10
N HIS D 45 29.63 1.60 -14.74
CA HIS D 45 29.01 2.70 -14.00
C HIS D 45 27.92 2.19 -13.08
N LEU D 46 27.07 1.29 -13.57
CA LEU D 46 26.02 0.76 -12.73
C LEU D 46 26.59 -0.03 -11.55
N ALA D 47 27.59 -0.87 -11.81
CA ALA D 47 28.19 -1.63 -10.71
C ALA D 47 28.84 -0.71 -9.69
N SER D 48 29.54 0.33 -10.17
CA SER D 48 30.18 1.27 -9.26
C SER D 48 29.15 2.04 -8.45
N LEU D 49 28.05 2.46 -9.08
CA LEU D 49 27.03 3.20 -8.37
C LEU D 49 26.37 2.34 -7.31
N GLN D 50 26.08 1.08 -7.63
CA GLN D 50 25.47 0.22 -6.63
C GLN D 50 26.45 -0.15 -5.52
N LEU D 51 27.74 -0.28 -5.81
CA LEU D 51 28.70 -0.48 -4.74
C LEU D 51 28.78 0.75 -3.84
N GLY D 52 28.72 1.94 -4.45
CA GLY D 52 28.70 3.16 -3.65
C GLY D 52 27.47 3.26 -2.79
N LEU D 53 26.31 2.88 -3.32
CA LEU D 53 25.10 2.85 -2.51
C LEU D 53 25.20 1.80 -1.41
N LEU D 54 25.86 0.66 -1.68
CA LEU D 54 26.07 -0.33 -0.63
C LEU D 54 26.92 0.23 0.48
N LEU D 55 27.99 0.94 0.14
CA LEU D 55 28.85 1.53 1.17
C LEU D 55 28.10 2.60 1.95
N ASN D 56 27.32 3.43 1.27
CA ASN D 56 26.53 4.45 1.95
C ASN D 56 25.52 3.80 2.89
N GLY D 57 24.87 2.72 2.44
CA GLY D 57 23.93 2.02 3.29
C GLY D 57 24.59 1.36 4.48
N VAL D 58 25.79 0.83 4.29
CA VAL D 58 26.53 0.24 5.41
C VAL D 58 26.88 1.32 6.42
N CYS D 59 27.32 2.49 5.94
CA CYS D 59 27.63 3.59 6.85
C CYS D 59 26.38 4.02 7.61
N SER D 60 25.24 4.12 6.93
CA SER D 60 24.00 4.48 7.60
C SER D 60 23.58 3.42 8.61
N LEU D 61 23.73 2.14 8.25
CA LEU D 61 23.37 1.05 9.14
C LEU D 61 24.25 1.03 10.37
N ALA D 62 25.49 1.49 10.24
CA ALA D 62 26.34 1.64 11.42
C ALA D 62 25.75 2.63 12.41
N GLU D 63 24.82 3.48 11.96
CA GLU D 63 24.11 4.41 12.84
C GLU D 63 22.66 4.01 13.03
N GLU D 64 22.04 3.41 12.01
CA GLU D 64 20.65 2.97 12.12
C GLU D 64 20.50 1.78 13.06
N LEU D 65 21.56 0.99 13.23
CA LEU D 65 21.51 -0.11 14.18
C LEU D 65 21.30 0.37 15.61
N ARG D 66 21.63 1.63 15.89
CA ARG D 66 21.48 2.16 17.24
C ARG D 66 20.02 2.35 17.62
N HIS D 67 19.11 2.43 16.65
CA HIS D 67 17.68 2.57 16.88
C HIS D 67 16.94 1.28 16.61
N ILE D 68 17.58 0.15 16.95
CA ILE D 68 17.00 -1.14 16.59
C ILE D 68 15.67 -1.35 17.30
N HIS D 69 15.64 -1.18 18.63
CA HIS D 69 14.40 -1.32 19.39
C HIS D 69 13.40 -0.23 19.03
N SER D 70 13.86 1.02 18.99
CA SER D 70 12.94 2.14 18.83
C SER D 70 12.24 2.09 17.49
N ARG D 71 12.96 1.75 16.42
CA ARG D 71 12.47 1.92 15.06
C ARG D 71 12.12 0.62 14.36
N TYR D 72 12.90 -0.44 14.54
CA TYR D 72 12.77 -1.64 13.71
C TYR D 72 12.41 -2.86 14.54
N ARG D 73 11.67 -2.65 15.63
CA ARG D 73 11.13 -3.73 16.45
C ARG D 73 12.20 -4.69 16.94
N GLY D 74 13.46 -4.24 16.98
CA GLY D 74 14.53 -5.08 17.47
C GLY D 74 14.96 -6.19 16.55
N SER D 75 14.50 -6.19 15.30
CA SER D 75 14.87 -7.20 14.32
C SER D 75 15.76 -6.58 13.26
N TYR D 76 16.88 -7.22 12.97
CA TYR D 76 17.86 -6.66 12.06
C TYR D 76 17.40 -6.66 10.62
N TRP D 77 16.46 -7.53 10.25
CA TRP D 77 16.05 -7.64 8.87
C TRP D 77 15.48 -6.33 8.35
N ARG D 78 14.63 -5.68 9.14
CA ARG D 78 13.99 -4.45 8.70
C ARG D 78 14.97 -3.29 8.72
N THR D 79 15.92 -3.30 9.65
CA THR D 79 16.95 -2.27 9.67
C THR D 79 17.83 -2.33 8.44
N VAL D 80 18.25 -3.53 8.06
CA VAL D 80 19.02 -3.66 6.82
C VAL D 80 18.15 -3.35 5.61
N ARG D 81 16.86 -3.71 5.68
CA ARG D 81 15.94 -3.40 4.60
C ARG D 81 15.82 -1.89 4.40
N ALA D 82 15.69 -1.15 5.50
CA ALA D 82 15.45 0.29 5.44
C ALA D 82 16.69 1.10 5.10
N CYS D 83 17.86 0.48 5.08
CA CYS D 83 19.12 1.19 4.87
C CYS D 83 19.73 0.94 3.51
N LEU D 84 19.68 -0.30 3.01
CA LEU D 84 20.27 -0.63 1.72
C LEU D 84 19.36 -1.54 0.91
N GLY D 85 18.07 -1.24 0.85
CA GLY D 85 17.18 -1.98 -0.02
C GLY D 85 17.08 -3.45 0.36
N CYS D 86 16.92 -4.29 -0.66
CA CYS D 86 16.74 -5.71 -0.43
C CYS D 86 18.06 -6.34 0.00
N PRO D 87 18.15 -6.94 1.20
CA PRO D 87 19.43 -7.56 1.59
C PRO D 87 19.74 -8.84 0.87
N LEU D 88 18.72 -9.58 0.42
CA LEU D 88 18.99 -10.80 -0.35
C LEU D 88 19.66 -10.46 -1.68
N ARG D 89 19.12 -9.47 -2.39
CA ARG D 89 19.74 -9.02 -3.66
C ARG D 89 21.17 -8.55 -3.35
N ARG D 90 21.32 -7.66 -2.38
CA ARG D 90 22.64 -7.11 -2.07
C ARG D 90 23.63 -8.21 -1.74
N GLY D 91 23.19 -9.24 -1.01
CA GLY D 91 24.06 -10.36 -0.74
C GLY D 91 24.40 -11.14 -1.99
N ALA D 92 23.44 -11.30 -2.90
CA ALA D 92 23.71 -12.01 -4.14
C ALA D 92 24.82 -11.34 -4.92
N LEU D 93 24.69 -10.03 -5.15
CA LEU D 93 25.79 -9.34 -5.84
C LEU D 93 27.05 -9.23 -4.99
N LEU D 94 26.95 -9.28 -3.66
CA LEU D 94 28.15 -9.30 -2.84
C LEU D 94 28.94 -10.58 -3.07
N LEU D 95 28.26 -11.73 -3.09
CA LEU D 95 28.92 -12.99 -3.40
C LEU D 95 29.45 -13.00 -4.83
N LEU D 96 28.70 -12.42 -5.78
CA LEU D 96 29.21 -12.35 -7.13
C LEU D 96 30.51 -11.54 -7.18
N SER D 97 30.55 -10.40 -6.46
CA SER D 97 31.75 -9.60 -6.43
C SER D 97 32.90 -10.33 -5.76
N ILE D 98 32.63 -11.08 -4.69
CA ILE D 98 33.69 -11.87 -4.06
C ILE D 98 34.25 -12.88 -5.06
N TYR D 99 33.36 -13.55 -5.80
CA TYR D 99 33.82 -14.49 -6.82
C TYR D 99 34.69 -13.80 -7.85
N PHE D 100 34.27 -12.63 -8.33
CA PHE D 100 35.07 -11.90 -9.31
C PHE D 100 36.44 -11.54 -8.74
N TYR D 101 36.47 -11.08 -7.50
CA TYR D 101 37.74 -10.67 -6.89
C TYR D 101 38.68 -11.85 -6.74
N TYR D 102 38.17 -13.00 -6.31
CA TYR D 102 39.02 -14.17 -6.08
C TYR D 102 39.37 -14.91 -7.37
N SER D 103 38.79 -14.53 -8.51
CA SER D 103 38.99 -15.24 -9.76
C SER D 103 39.86 -14.48 -10.75
N LEU D 104 40.46 -13.37 -10.34
CA LEU D 104 41.32 -12.62 -11.24
C LEU D 104 42.67 -13.33 -11.39
N PRO D 105 43.37 -13.11 -12.51
CA PRO D 105 44.57 -13.91 -12.78
C PRO D 105 45.83 -13.40 -12.08
N ASN D 106 45.68 -12.52 -11.09
CA ASN D 106 46.77 -11.96 -10.31
C ASN D 106 47.59 -10.92 -11.09
N ALA D 107 47.31 -10.77 -12.38
CA ALA D 107 47.82 -9.66 -13.15
C ALA D 107 46.83 -8.50 -13.20
N VAL D 108 45.64 -8.68 -12.64
CA VAL D 108 44.66 -7.62 -12.52
C VAL D 108 44.26 -7.35 -11.08
N GLY D 109 44.66 -8.21 -10.14
CA GLY D 109 44.20 -8.13 -8.77
C GLY D 109 44.48 -6.81 -8.10
N PRO D 110 45.76 -6.52 -7.83
CA PRO D 110 46.10 -5.29 -7.13
C PRO D 110 45.51 -4.06 -7.78
N PRO D 111 45.48 -3.98 -9.12
CA PRO D 111 44.73 -2.87 -9.74
C PRO D 111 43.27 -2.81 -9.32
N PHE D 112 42.60 -3.96 -9.22
CA PHE D 112 41.20 -3.98 -8.85
C PHE D 112 41.01 -3.59 -7.40
N THR D 113 41.90 -4.05 -6.52
CA THR D 113 41.84 -3.64 -5.12
C THR D 113 42.09 -2.14 -4.99
N TRP D 114 43.00 -1.60 -5.79
CA TRP D 114 43.24 -0.16 -5.80
C TRP D 114 41.99 0.59 -6.22
N MET D 115 41.31 0.11 -7.26
CA MET D 115 40.08 0.76 -7.70
C MET D 115 39.00 0.68 -6.62
N LEU D 116 38.86 -0.47 -5.98
CA LEU D 116 37.86 -0.64 -4.95
C LEU D 116 38.13 0.29 -3.76
N ALA D 117 39.39 0.38 -3.36
CA ALA D 117 39.76 1.28 -2.27
C ALA D 117 39.50 2.73 -2.64
N LEU D 118 39.78 3.11 -3.89
CA LEU D 118 39.47 4.47 -4.32
C LEU D 118 37.98 4.75 -4.26
N LEU D 119 37.15 3.79 -4.68
CA LEU D 119 35.71 3.99 -4.60
C LEU D 119 35.27 4.14 -3.15
N GLY D 120 35.81 3.31 -2.26
CA GLY D 120 35.49 3.45 -0.85
C GLY D 120 35.89 4.80 -0.29
N LEU D 121 37.08 5.27 -0.66
CA LEU D 121 37.54 6.58 -0.20
C LEU D 121 36.64 7.68 -0.73
N SER D 122 36.22 7.58 -1.99
CA SER D 122 35.33 8.59 -2.55
C SER D 122 33.99 8.60 -1.80
N GLN D 123 33.45 7.43 -1.50
CA GLN D 123 32.19 7.38 -0.74
C GLN D 123 32.37 7.94 0.66
N ALA D 124 33.49 7.64 1.31
CA ALA D 124 33.75 8.18 2.64
C ALA D 124 33.84 9.69 2.60
N LEU D 125 34.49 10.25 1.58
CA LEU D 125 34.54 11.69 1.43
C LEU D 125 33.15 12.25 1.19
N ASN D 126 32.35 11.57 0.38
CA ASN D 126 31.00 12.04 0.10
C ASN D 126 30.18 12.14 1.38
N ILE D 127 30.29 11.13 2.24
CA ILE D 127 29.55 11.17 3.49
C ILE D 127 30.13 12.23 4.42
N LEU D 128 31.45 12.30 4.53
CA LEU D 128 32.08 13.19 5.50
C LEU D 128 31.97 14.64 5.07
N LEU D 129 32.26 14.93 3.80
CA LEU D 129 32.23 16.30 3.30
C LEU D 129 30.84 16.76 2.90
N GLY D 130 29.83 15.90 3.01
CA GLY D 130 28.47 16.31 2.72
C GLY D 130 28.18 16.59 1.27
N LEU D 131 28.96 16.00 0.36
CA LEU D 131 28.73 16.21 -1.06
C LEU D 131 27.47 15.50 -1.56
N LYS D 132 26.93 14.56 -0.77
CA LYS D 132 25.61 13.99 -1.06
C LYS D 132 24.54 14.74 -0.25
N GLY D 133 24.39 16.01 -0.60
CA GLY D 133 23.43 16.89 0.06
C GLY D 133 22.23 17.13 -0.84
N LEU D 134 21.06 16.83 -0.32
CA LEU D 134 19.84 16.94 -1.10
C LEU D 134 19.52 18.41 -1.38
N ALA D 135 19.22 18.73 -2.63
CA ALA D 135 18.76 20.06 -2.96
C ALA D 135 17.36 20.26 -2.39
N PRO D 136 17.01 21.49 -2.02
CA PRO D 136 15.71 21.69 -1.36
C PRO D 136 14.53 21.36 -2.24
N ALA D 137 14.70 21.32 -3.55
CA ALA D 137 13.66 20.77 -4.40
C ALA D 137 13.41 19.30 -4.07
N GLU D 138 14.49 18.54 -3.90
CA GLU D 138 14.34 17.13 -3.55
C GLU D 138 13.83 16.96 -2.13
N ILE D 139 14.28 17.79 -1.21
CA ILE D 139 13.76 17.75 0.15
C ILE D 139 12.26 17.98 0.14
N SER D 140 11.82 19.00 -0.60
CA SER D 140 10.39 19.27 -0.71
C SER D 140 9.65 18.10 -1.35
N ALA D 141 10.27 17.45 -2.33
CA ALA D 141 9.64 16.29 -2.94
C ALA D 141 9.42 15.19 -1.92
N VAL D 142 10.41 14.90 -1.08
CA VAL D 142 10.26 13.86 -0.07
C VAL D 142 9.20 14.27 0.96
N CYS D 143 9.26 15.51 1.45
CA CYS D 143 8.31 15.94 2.46
C CYS D 143 6.90 16.13 1.93
N GLU D 144 6.70 16.08 0.61
CA GLU D 144 5.38 16.21 0.02
C GLU D 144 4.94 14.93 -0.69
N LYS D 145 5.64 13.82 -0.47
CA LYS D 145 5.31 12.58 -1.17
C LYS D 145 3.90 12.12 -0.81
N GLY D 146 3.54 12.18 0.47
CA GLY D 146 2.21 11.81 0.89
C GLY D 146 1.78 12.69 2.05
N ASN D 147 0.48 12.62 2.35
CA ASN D 147 -0.09 13.43 3.42
C ASN D 147 -0.15 12.64 4.73
N PHE D 148 1.01 12.16 5.17
CA PHE D 148 1.12 11.39 6.39
C PHE D 148 2.09 11.97 7.41
N ASN D 149 2.91 12.94 7.03
CA ASN D 149 3.90 13.52 7.95
C ASN D 149 3.17 14.52 8.85
N VAL D 150 2.30 13.99 9.69
CA VAL D 150 1.43 14.79 10.55
C VAL D 150 2.05 15.09 11.91
N ALA D 151 3.17 14.48 12.26
CA ALA D 151 3.67 14.58 13.62
C ALA D 151 4.02 16.02 13.98
N HIS D 152 4.79 16.71 13.13
CA HIS D 152 5.17 18.09 13.44
C HIS D 152 3.94 18.98 13.50
N GLY D 153 3.03 18.82 12.55
CA GLY D 153 1.83 19.64 12.56
C GLY D 153 0.98 19.41 13.79
N LEU D 154 0.77 18.14 14.15
CA LEU D 154 0.01 17.83 15.35
C LEU D 154 0.67 18.42 16.59
N ALA D 155 1.99 18.27 16.71
CA ALA D 155 2.69 18.77 17.90
C ALA D 155 2.56 20.29 18.00
N TRP D 156 2.79 21.00 16.90
CA TRP D 156 2.76 22.45 16.96
C TRP D 156 1.33 22.96 17.17
N SER D 157 0.35 22.35 16.50
CA SER D 157 -1.03 22.73 16.73
C SER D 157 -1.42 22.51 18.18
N TYR D 158 -1.04 21.37 18.75
CA TYR D 158 -1.32 21.11 20.16
C TYR D 158 -0.71 22.19 21.04
N TYR D 159 0.59 22.44 20.87
CA TYR D 159 1.25 23.45 21.68
C TYR D 159 0.48 24.76 21.63
N ILE D 160 0.40 25.36 20.45
CA ILE D 160 -0.19 26.70 20.32
C ILE D 160 -1.63 26.70 20.82
N GLY D 161 -2.45 25.77 20.32
CA GLY D 161 -3.86 25.82 20.64
C GLY D 161 -4.15 25.62 22.11
N TYR D 162 -3.52 24.64 22.74
CA TYR D 162 -3.88 24.21 24.08
C TYR D 162 -2.83 24.56 25.12
N LEU D 163 -1.59 24.13 24.94
CA LEU D 163 -0.64 24.17 26.04
C LEU D 163 -0.09 25.58 26.26
N ARG D 164 0.06 26.36 25.19
CA ARG D 164 0.50 27.74 25.33
C ARG D 164 -0.48 28.56 26.16
N LEU D 165 -1.76 28.17 26.19
CA LEU D 165 -2.79 28.93 26.89
C LEU D 165 -3.26 28.27 28.17
N ILE D 166 -2.92 27.00 28.39
CA ILE D 166 -3.32 26.28 29.61
C ILE D 166 -2.25 26.40 30.69
N LEU D 167 -1.00 26.12 30.34
CA LEU D 167 0.05 26.06 31.34
C LEU D 167 0.26 27.37 32.10
N PRO D 168 0.27 28.55 31.46
CA PRO D 168 0.60 29.77 32.22
C PRO D 168 -0.26 29.99 33.44
N GLU D 169 -1.56 29.68 33.36
CA GLU D 169 -2.47 29.90 34.47
C GLU D 169 -2.81 28.61 35.21
N LEU D 170 -2.24 27.48 34.82
CA LEU D 170 -2.56 26.22 35.49
C LEU D 170 -2.06 26.21 36.92
N GLN D 171 -0.84 26.73 37.15
CA GLN D 171 -0.30 26.72 38.50
C GLN D 171 -1.18 27.53 39.44
N ALA D 172 -1.67 28.67 38.97
CA ALA D 172 -2.60 29.45 39.77
C ALA D 172 -3.88 28.67 40.04
N ARG D 173 -4.37 27.94 39.04
CA ARG D 173 -5.57 27.13 39.23
C ARG D 173 -5.38 26.09 40.32
N ILE D 174 -4.26 25.37 40.27
CA ILE D 174 -4.00 24.34 41.27
C ILE D 174 -3.81 24.98 42.64
N ARG D 175 -3.18 26.15 42.68
CA ARG D 175 -3.00 26.84 43.95
C ARG D 175 -4.34 27.22 44.58
N THR D 176 -5.24 27.79 43.78
CA THR D 176 -6.55 28.15 44.35
C THR D 176 -7.33 26.92 44.75
N TYR D 177 -7.23 25.83 43.98
CA TYR D 177 -7.92 24.61 44.35
C TYR D 177 -7.41 24.08 45.68
N ASN D 178 -6.09 24.05 45.86
CA ASN D 178 -5.54 23.57 47.13
C ASN D 178 -5.94 24.47 48.29
N GLN D 179 -5.91 25.79 48.07
CA GLN D 179 -6.30 26.71 49.14
C GLN D 179 -7.77 26.54 49.51
N HIS D 180 -8.63 26.32 48.52
CA HIS D 180 -10.07 26.20 48.79
C HIS D 180 -10.42 24.81 49.32
N TYR D 181 -9.88 23.76 48.70
CA TYR D 181 -10.15 22.39 49.09
C TYR D 181 -8.87 21.75 49.61
N VAL D 189 -0.71 19.81 46.69
CA VAL D 189 -0.85 18.54 45.99
C VAL D 189 -1.36 18.77 44.58
N SER D 190 -1.55 17.69 43.83
CA SER D 190 -2.09 17.75 42.46
C SER D 190 -1.19 18.57 41.55
N GLN D 191 0.09 18.67 41.87
CA GLN D 191 0.96 19.61 41.18
C GLN D 191 1.23 19.19 39.74
N ARG D 192 1.21 20.17 38.85
CA ARG D 192 1.73 20.05 37.48
C ARG D 192 0.81 19.23 36.59
N LEU D 193 0.74 19.62 35.31
CA LEU D 193 -0.05 18.90 34.32
C LEU D 193 0.64 17.63 33.86
N TYR D 194 -0.13 16.58 33.63
CA TYR D 194 0.37 15.30 33.15
C TYR D 194 -0.38 14.94 31.89
N ILE D 195 0.36 14.74 30.80
CA ILE D 195 -0.22 14.41 29.51
C ILE D 195 0.12 12.95 29.21
N LEU D 196 -0.90 12.11 29.12
CA LEU D 196 -0.70 10.70 28.80
C LEU D 196 -0.53 10.53 27.30
N LEU D 197 0.46 9.73 26.90
CA LEU D 197 0.85 9.58 25.51
C LEU D 197 0.84 8.09 25.16
N PRO D 198 -0.33 7.51 24.90
CA PRO D 198 -0.37 6.12 24.47
C PRO D 198 0.04 5.98 23.02
N LEU D 199 1.14 5.27 22.79
CA LEU D 199 1.64 5.07 21.43
C LEU D 199 0.64 4.30 20.58
N ASP D 200 -0.20 3.46 21.19
CA ASP D 200 -1.33 2.88 20.46
C ASP D 200 -2.40 3.91 20.17
N CYS D 201 -2.34 5.09 20.79
CA CYS D 201 -3.29 6.17 20.54
C CYS D 201 -4.72 5.71 20.78
N GLY D 202 -4.92 4.96 21.86
CA GLY D 202 -6.26 4.61 22.30
C GLY D 202 -6.73 5.53 23.40
N VAL D 203 -7.61 6.46 23.05
CA VAL D 203 -8.09 7.50 23.96
C VAL D 203 -9.54 7.17 24.33
N PRO D 204 -9.81 6.67 25.52
CA PRO D 204 -11.20 6.51 25.95
C PRO D 204 -11.84 7.85 26.28
N ASP D 205 -13.16 7.84 26.38
CA ASP D 205 -13.88 9.07 26.71
C ASP D 205 -13.48 9.59 28.08
N ASN D 206 -13.35 8.70 29.06
CA ASN D 206 -12.86 9.05 30.38
C ASN D 206 -11.84 8.00 30.83
N LEU D 207 -11.02 8.39 31.80
CA LEU D 207 -9.86 7.59 32.19
C LEU D 207 -10.22 6.35 32.99
N SER D 208 -11.37 6.34 33.66
CA SER D 208 -11.66 5.27 34.62
C SER D 208 -11.72 3.91 33.95
N MET D 209 -12.46 3.78 32.84
CA MET D 209 -12.51 2.51 32.13
C MET D 209 -11.14 2.09 31.60
N ALA D 210 -10.21 3.01 31.44
CA ALA D 210 -8.86 2.64 31.03
C ALA D 210 -8.08 2.00 32.17
N ASP D 211 -8.37 2.38 33.41
CA ASP D 211 -7.64 1.88 34.57
C ASP D 211 -8.54 2.02 35.79
N PRO D 212 -8.87 0.93 36.52
CA PRO D 212 -9.79 1.08 37.64
C PRO D 212 -9.21 1.83 38.83
N ASN D 213 -7.89 2.02 38.88
CA ASN D 213 -7.26 2.75 39.97
C ASN D 213 -7.24 4.26 39.74
N ILE D 214 -7.77 4.73 38.61
CA ILE D 214 -7.91 6.15 38.33
C ILE D 214 -9.40 6.47 38.33
N ARG D 215 -9.83 7.30 39.27
CA ARG D 215 -11.24 7.68 39.37
C ARG D 215 -11.37 9.18 39.48
N PHE D 216 -12.36 9.73 38.78
CA PHE D 216 -12.63 11.15 38.79
C PHE D 216 -12.82 11.63 40.22
N LEU D 217 -12.16 12.74 40.56
CA LEU D 217 -12.31 13.38 41.86
C LEU D 217 -13.01 14.73 41.76
N ASP D 218 -12.53 15.62 40.91
CA ASP D 218 -13.16 16.93 40.76
C ASP D 218 -12.63 17.59 39.50
N LYS D 219 -13.29 18.67 39.09
CA LYS D 219 -12.87 19.48 37.97
C LYS D 219 -11.93 20.58 38.48
N LEU D 220 -11.64 21.56 37.62
CA LEU D 220 -10.77 22.67 37.98
C LEU D 220 -11.47 23.98 37.64
N PRO D 221 -11.35 25.01 38.48
CA PRO D 221 -12.01 26.29 38.17
C PRO D 221 -11.44 26.90 36.90
N GLN D 222 -12.30 27.67 36.22
CA GLN D 222 -11.93 28.33 34.97
C GLN D 222 -11.50 27.31 33.93
N ARG D 233 -11.68 29.66 26.86
CA ARG D 233 -12.99 29.07 26.62
C ARG D 233 -13.32 28.10 27.76
N VAL D 234 -13.84 26.91 27.46
CA VAL D 234 -14.29 26.01 28.52
C VAL D 234 -13.08 25.51 29.32
N TYR D 235 -12.03 25.08 28.63
CA TYR D 235 -10.79 24.58 29.27
C TYR D 235 -11.12 23.62 30.41
N SER D 236 -11.74 22.51 30.04
CA SER D 236 -12.18 21.50 31.01
C SER D 236 -11.01 20.59 31.34
N ASN D 237 -10.31 20.88 32.43
CA ASN D 237 -9.25 20.04 32.96
C ASN D 237 -9.74 19.37 34.23
N SER D 238 -9.55 18.06 34.33
CA SER D 238 -10.06 17.28 35.45
C SER D 238 -8.91 16.87 36.38
N ILE D 239 -9.23 16.81 37.67
CA ILE D 239 -8.29 16.34 38.69
C ILE D 239 -8.59 14.88 38.95
N TYR D 240 -7.55 14.04 38.90
CA TYR D 240 -7.68 12.60 39.06
C TYR D 240 -6.85 12.15 40.26
N GLU D 241 -7.39 11.19 41.01
CA GLU D 241 -6.73 10.63 42.17
C GLU D 241 -6.30 9.21 41.86
N LEU D 242 -5.11 8.83 42.32
CA LEU D 242 -4.51 7.54 42.00
C LEU D 242 -4.46 6.69 43.26
N LEU D 243 -4.95 5.45 43.15
CA LEU D 243 -5.06 4.53 44.26
C LEU D 243 -4.06 3.41 44.08
N GLU D 244 -3.17 3.24 45.06
CA GLU D 244 -2.20 2.15 45.09
C GLU D 244 -2.64 1.16 46.16
N ASN D 245 -3.06 -0.02 45.74
CA ASN D 245 -3.58 -1.03 46.66
C ASN D 245 -4.74 -0.47 47.48
N GLY D 246 -5.58 0.34 46.84
CA GLY D 246 -6.70 0.99 47.47
C GLY D 246 -6.35 2.30 48.16
N GLN D 247 -5.14 2.43 48.68
CA GLN D 247 -4.71 3.67 49.31
C GLN D 247 -4.40 4.72 48.26
N ARG D 248 -4.92 5.92 48.47
CA ARG D 248 -4.69 7.03 47.54
C ARG D 248 -3.25 7.50 47.69
N ALA D 249 -2.40 7.14 46.73
CA ALA D 249 -0.99 7.53 46.76
C ALA D 249 -0.76 8.84 46.00
N GLY D 250 -1.49 9.87 46.39
CA GLY D 250 -1.38 11.17 45.76
C GLY D 250 -2.36 11.34 44.61
N THR D 251 -2.57 12.60 44.24
CA THR D 251 -3.46 12.97 43.14
C THR D 251 -2.71 13.89 42.19
N CYS D 252 -3.20 13.94 40.95
CA CYS D 252 -2.53 14.71 39.91
C CYS D 252 -3.52 15.01 38.80
N VAL D 253 -3.29 16.10 38.08
CA VAL D 253 -4.16 16.52 36.99
C VAL D 253 -3.77 15.71 35.76
N LEU D 254 -4.59 14.73 35.40
CA LEU D 254 -4.31 13.84 34.29
C LEU D 254 -5.06 14.29 33.05
N GLU D 255 -4.46 14.05 31.88
CA GLU D 255 -5.06 14.52 30.61
C GLU D 255 -4.48 13.75 29.43
N TYR D 256 -5.32 13.22 28.55
CA TYR D 256 -4.87 12.52 27.36
C TYR D 256 -4.46 13.54 26.30
N ALA D 257 -3.53 13.13 25.44
CA ALA D 257 -3.09 13.97 24.35
C ALA D 257 -4.17 13.96 23.28
N THR D 258 -4.88 15.08 23.13
CA THR D 258 -5.93 15.18 22.13
C THR D 258 -5.44 14.86 20.71
N PRO D 259 -4.29 15.33 20.25
CA PRO D 259 -3.90 15.04 18.86
C PRO D 259 -3.70 13.56 18.59
N LEU D 260 -3.51 12.74 19.62
CA LEU D 260 -3.43 11.30 19.39
C LEU D 260 -4.78 10.70 19.05
N GLN D 261 -5.87 11.43 19.28
CA GLN D 261 -7.17 11.00 18.76
C GLN D 261 -7.23 11.14 17.25
N THR D 262 -6.60 12.18 16.70
CA THR D 262 -6.60 12.35 15.26
C THR D 262 -5.88 11.21 14.55
N LEU D 263 -4.74 10.78 15.09
CA LEU D 263 -4.03 9.66 14.48
C LEU D 263 -4.87 8.39 14.52
N PHE D 264 -5.53 8.12 15.64
CA PHE D 264 -6.38 6.95 15.72
C PHE D 264 -7.51 7.03 14.71
N ALA D 265 -8.20 8.17 14.66
CA ALA D 265 -9.25 8.36 13.69
C ALA D 265 -8.72 8.40 12.26
N MET D 266 -7.46 8.81 12.08
CA MET D 266 -6.86 8.78 10.76
C MET D 266 -6.80 7.36 10.21
N SER D 267 -6.39 6.41 11.05
CA SER D 267 -6.25 5.03 10.59
C SER D 267 -7.60 4.37 10.37
N GLN D 268 -8.58 4.67 11.21
CA GLN D 268 -9.93 4.15 11.04
C GLN D 268 -10.65 4.80 9.86
N TYR D 269 -10.09 5.84 9.27
CA TYR D 269 -10.73 6.53 8.16
C TYR D 269 -10.89 5.61 6.96
N SER D 270 -9.90 4.78 6.67
CA SER D 270 -9.94 3.71 5.68
C SER D 270 -9.86 4.21 4.24
N GLN D 271 -9.91 5.51 4.00
CA GLN D 271 -9.68 6.07 2.68
C GLN D 271 -8.37 6.85 2.58
N ALA D 272 -7.72 7.12 3.71
CA ALA D 272 -6.41 7.75 3.70
C ALA D 272 -5.27 6.76 3.49
N GLY D 273 -5.52 5.47 3.67
CA GLY D 273 -4.44 4.50 3.60
C GLY D 273 -3.50 4.55 4.77
N PHE D 274 -3.94 5.11 5.89
CA PHE D 274 -3.10 5.31 7.06
C PHE D 274 -3.12 4.02 7.89
N SER D 275 -2.01 3.29 7.86
CA SER D 275 -1.95 1.98 8.50
C SER D 275 -1.65 2.12 9.98
N ARG D 276 -1.74 0.98 10.69
CA ARG D 276 -1.40 0.95 12.10
C ARG D 276 0.08 1.23 12.32
N GLU D 277 0.95 0.71 11.45
CA GLU D 277 2.37 0.98 11.60
C GLU D 277 2.69 2.46 11.44
N ASP D 278 2.07 3.11 10.45
CA ASP D 278 2.22 4.56 10.33
C ASP D 278 1.60 5.28 11.52
N ARG D 279 0.54 4.71 12.09
CA ARG D 279 -0.05 5.28 13.30
C ARG D 279 0.95 5.30 14.44
N LEU D 280 1.69 4.21 14.62
CA LEU D 280 2.65 4.13 15.71
C LEU D 280 3.90 4.94 15.40
N GLU D 281 4.33 4.95 14.13
CA GLU D 281 5.53 5.69 13.78
C GLU D 281 5.33 7.18 14.03
N GLN D 282 4.17 7.72 13.67
CA GLN D 282 3.94 9.14 13.84
C GLN D 282 3.61 9.52 15.27
N ALA D 283 2.93 8.65 16.00
CA ALA D 283 2.74 8.87 17.43
C ALA D 283 4.09 8.95 18.13
N LYS D 284 5.02 8.08 17.74
CA LYS D 284 6.38 8.13 18.29
C LYS D 284 7.06 9.43 17.90
N LEU D 285 6.96 9.83 16.62
CA LEU D 285 7.54 11.10 16.19
C LEU D 285 6.87 12.27 16.89
N PHE D 286 5.54 12.24 16.99
CA PHE D 286 4.84 13.28 17.72
C PHE D 286 5.29 13.32 19.18
N CYS D 287 5.52 12.15 19.77
CA CYS D 287 5.95 12.10 21.16
C CYS D 287 7.26 12.83 21.36
N ARG D 288 8.22 12.63 20.44
CA ARG D 288 9.50 13.30 20.55
C ARG D 288 9.40 14.78 20.20
N THR D 289 8.67 15.11 19.14
CA THR D 289 8.57 16.50 18.72
C THR D 289 7.98 17.37 19.82
N LEU D 290 6.90 16.90 20.46
CA LEU D 290 6.28 17.70 21.51
C LEU D 290 7.25 17.98 22.64
N GLU D 291 8.06 16.99 23.02
CA GLU D 291 9.06 17.20 24.06
C GLU D 291 10.08 18.24 23.62
N ASP D 292 10.51 18.20 22.35
CA ASP D 292 11.46 19.18 21.86
C ASP D 292 10.88 20.59 21.90
N ILE D 293 9.62 20.74 21.49
CA ILE D 293 8.98 22.06 21.57
C ILE D 293 8.90 22.52 23.01
N LEU D 294 8.50 21.62 23.91
CA LEU D 294 8.30 21.97 25.31
C LEU D 294 9.61 22.15 26.07
N ALA D 295 10.73 21.66 25.53
CA ALA D 295 12.01 21.82 26.21
C ALA D 295 12.39 23.29 26.34
N ASP D 296 12.14 24.08 25.30
CA ASP D 296 12.53 25.48 25.27
C ASP D 296 11.32 26.42 25.31
N ALA D 297 10.13 25.91 25.56
CA ALA D 297 8.96 26.78 25.59
C ALA D 297 9.00 27.69 26.82
N PRO D 298 8.58 28.95 26.68
CA PRO D 298 8.63 29.85 27.85
C PRO D 298 7.80 29.38 29.02
N GLU D 299 6.65 28.74 28.79
CA GLU D 299 5.68 28.41 29.83
C GLU D 299 5.53 26.90 30.02
N SER D 300 6.65 26.18 30.04
CA SER D 300 6.64 24.74 30.25
C SER D 300 7.76 24.27 31.17
N GLN D 301 8.46 25.18 31.84
CA GLN D 301 9.52 24.80 32.76
C GLN D 301 8.91 24.40 34.09
N ASN D 302 9.02 23.11 34.44
CA ASN D 302 8.47 22.59 35.69
C ASN D 302 6.95 22.77 35.74
N ASN D 303 6.31 22.83 34.57
CA ASN D 303 4.88 23.08 34.47
C ASN D 303 4.09 21.95 33.84
N CYS D 304 4.75 20.96 33.24
CA CYS D 304 4.03 19.81 32.68
C CYS D 304 4.98 18.63 32.54
N ARG D 305 4.38 17.45 32.49
CA ARG D 305 5.09 16.19 32.32
C ARG D 305 4.48 15.40 31.18
N LEU D 306 5.32 14.63 30.50
CA LEU D 306 4.90 13.80 29.37
C LEU D 306 5.10 12.34 29.75
N ILE D 307 4.02 11.57 29.69
CA ILE D 307 4.01 10.16 30.07
C ILE D 307 3.69 9.35 28.83
N ALA D 308 4.68 8.64 28.30
CA ALA D 308 4.52 7.79 27.13
C ALA D 308 4.57 6.33 27.57
N TYR D 309 3.59 5.55 27.11
CA TYR D 309 3.51 4.15 27.49
C TYR D 309 2.96 3.35 26.32
N GLN D 310 3.26 2.04 26.33
CA GLN D 310 2.84 1.12 25.30
C GLN D 310 2.11 -0.06 25.94
N GLU D 311 1.00 -0.45 25.33
CA GLU D 311 0.28 -1.63 25.80
C GLU D 311 1.03 -2.89 25.40
N PRO D 312 1.25 -3.85 26.32
CA PRO D 312 2.05 -5.02 25.93
C PRO D 312 1.21 -6.08 25.21
N PHE D 318 0.98 -4.38 32.38
CA PHE D 318 1.13 -2.94 32.51
C PHE D 318 -0.10 -2.32 33.15
N SER D 319 0.10 -1.57 34.22
CA SER D 319 -0.96 -0.86 34.91
C SER D 319 -0.72 0.64 34.76
N LEU D 320 -1.73 1.36 34.28
CA LEU D 320 -1.56 2.80 34.06
C LEU D 320 -1.28 3.55 35.34
N SER D 321 -1.92 3.15 36.45
CA SER D 321 -1.72 3.86 37.70
C SER D 321 -0.26 3.89 38.10
N GLN D 322 0.41 2.73 38.07
CA GLN D 322 1.81 2.69 38.44
C GLN D 322 2.65 3.52 37.48
N GLU D 323 2.30 3.52 36.19
CA GLU D 323 3.02 4.33 35.22
C GLU D 323 2.97 5.80 35.63
N VAL D 324 1.77 6.30 35.95
CA VAL D 324 1.64 7.68 36.37
C VAL D 324 2.27 7.88 37.75
N LEU D 325 2.13 6.90 38.64
CA LEU D 325 2.66 7.06 39.99
C LEU D 325 4.18 7.24 39.98
N ARG D 326 4.88 6.54 39.09
CA ARG D 326 6.34 6.63 39.07
C ARG D 326 6.81 8.06 38.85
N HIS D 327 6.08 8.84 38.05
CA HIS D 327 6.47 10.22 37.80
C HIS D 327 6.13 11.16 38.94
N LEU D 328 5.20 10.78 39.82
CA LEU D 328 4.90 11.64 40.97
C LEU D 328 5.98 11.55 42.05
N ARG D 329 6.67 10.41 42.14
CA ARG D 329 7.69 10.26 43.18
C ARG D 329 8.82 11.25 42.99
N GLN D 330 9.24 11.48 41.74
CA GLN D 330 10.36 12.37 41.48
C GLN D 330 10.08 13.80 41.88
N GLU D 331 8.83 14.26 41.71
CA GLU D 331 8.43 15.62 42.07
C GLU D 331 9.39 16.66 41.49
#